data_2EVV
#
_entry.id   2EVV
#
_cell.length_a   102.312
_cell.length_b   102.266
_cell.length_c   143.047
_cell.angle_alpha   90.00
_cell.angle_beta   90.00
_cell.angle_gamma   90.00
#
_symmetry.space_group_name_H-M   'P 21 21 21'
#
loop_
_entity.id
_entity.type
_entity.pdbx_description
1 polymer 'hypothetical protein HP0218'
2 non-polymer GLYCEROL
3 non-polymer 'SULFATE ION'
4 water water
#
_entity_poly.entity_id   1
_entity_poly.type   'polypeptide(L)'
_entity_poly.pdbx_seq_one_letter_code
;(MSE)GSSHHHHHHSSGRENLYFQGH(MSE)KTFEV(MSE)IQTDSKGYLDAKFGGNAPKAFLNSNGLPTYSPKISWQKV
EGAQSYALELIDHDAQKVCG(MSE)PFVHWVVGNIAHNVLEENAS(MSE)(MSE)DKRIVQGVNSLTQGFIRSPLNESEK
QRSNLNNSVYIGP(MSE)PPNGDHHYLIQVYALDIPKLALKAPFFLGDLHDK(MSE)RNHIIAIGRKEFLYKQFVRKGS
;
_entity_poly.pdbx_strand_id   A,B,C,D
#
# COMPACT_ATOMS: atom_id res chain seq x y z
N LYS A 24 23.96 -18.66 25.23
CA LYS A 24 25.28 -18.91 24.63
C LYS A 24 25.36 -18.46 23.17
N THR A 25 26.58 -18.36 22.67
CA THR A 25 26.83 -18.08 21.25
C THR A 25 27.71 -19.18 20.61
N PHE A 26 27.75 -19.25 19.28
CA PHE A 26 28.61 -20.20 18.60
C PHE A 26 29.13 -19.65 17.28
N GLU A 27 30.24 -20.21 16.80
CA GLU A 27 30.88 -19.75 15.57
C GLU A 27 30.12 -20.24 14.35
N VAL A 28 29.98 -19.36 13.36
CA VAL A 28 29.31 -19.70 12.10
C VAL A 28 30.31 -19.48 10.96
N ILE A 30 31.45 -19.80 6.56
CA ILE A 30 31.12 -19.70 5.17
C ILE A 30 32.43 -19.37 4.47
N GLN A 31 32.74 -20.09 3.41
CA GLN A 31 33.99 -19.90 2.71
C GLN A 31 33.94 -18.65 1.84
N THR A 32 34.83 -17.71 2.16
CA THR A 32 35.04 -16.54 1.36
C THR A 32 36.49 -16.48 0.93
N ASP A 33 36.83 -15.53 0.06
CA ASP A 33 38.23 -15.35 -0.35
C ASP A 33 39.03 -14.70 0.78
N SER A 34 40.30 -14.38 0.52
CA SER A 34 41.16 -13.69 1.49
C SER A 34 40.57 -12.36 2.00
N LYS A 35 39.94 -11.62 1.11
CA LYS A 35 39.35 -10.31 1.48
C LYS A 35 37.95 -10.43 2.11
N GLY A 36 37.48 -11.65 2.37
CA GLY A 36 36.16 -11.85 2.97
C GLY A 36 34.95 -11.84 2.05
N TYR A 37 35.19 -11.86 0.73
CA TYR A 37 34.14 -11.87 -0.32
C TYR A 37 33.66 -13.28 -0.65
N LEU A 38 32.35 -13.46 -0.72
CA LEU A 38 31.75 -14.71 -1.17
C LEU A 38 31.86 -14.78 -2.69
N ASP A 39 31.96 -15.97 -3.28
CA ASP A 39 32.23 -16.09 -4.72
C ASP A 39 31.11 -15.50 -5.53
N ALA A 40 31.48 -14.96 -6.68
CA ALA A 40 30.53 -14.42 -7.63
C ALA A 40 29.31 -15.32 -7.86
N LYS A 41 29.53 -16.64 -7.92
CA LYS A 41 28.44 -17.57 -8.27
C LYS A 41 27.25 -17.55 -7.30
N PHE A 42 27.46 -17.04 -6.09
CA PHE A 42 26.40 -17.01 -5.11
C PHE A 42 25.50 -15.78 -5.16
N GLY A 43 25.73 -14.89 -6.11
CA GLY A 43 24.95 -13.65 -6.22
C GLY A 43 24.86 -13.11 -7.64
N GLY A 44 24.37 -11.89 -7.78
CA GLY A 44 24.14 -11.25 -9.08
C GLY A 44 25.26 -11.31 -10.13
N ASN A 45 26.51 -11.24 -9.70
CA ASN A 45 27.64 -11.31 -10.65
C ASN A 45 27.94 -12.72 -11.16
N ALA A 46 27.12 -13.70 -10.78
CA ALA A 46 27.32 -15.11 -11.15
C ALA A 46 27.44 -15.28 -12.65
N PRO A 47 28.27 -16.23 -13.09
CA PRO A 47 28.16 -16.62 -14.50
C PRO A 47 26.72 -17.04 -14.79
N LYS A 48 26.22 -16.74 -15.98
N LYS A 48 26.28 -16.70 -16.00
CA LYS A 48 24.82 -17.05 -16.33
CA LYS A 48 25.00 -17.08 -16.63
C LYS A 48 24.38 -18.45 -15.92
C LYS A 48 24.41 -18.44 -16.19
N ALA A 49 25.27 -19.44 -16.01
CA ALA A 49 24.91 -20.84 -15.68
C ALA A 49 24.50 -21.09 -14.22
N PHE A 50 24.85 -20.16 -13.34
CA PHE A 50 24.41 -20.24 -11.96
C PHE A 50 23.22 -19.30 -11.66
N LEU A 51 22.63 -18.72 -12.71
CA LEU A 51 21.38 -17.95 -12.56
C LEU A 51 20.22 -18.77 -13.08
N ASN A 52 19.04 -18.57 -12.52
CA ASN A 52 17.87 -19.33 -12.94
C ASN A 52 17.36 -18.82 -14.27
N SER A 53 16.19 -19.28 -14.73
CA SER A 53 15.60 -18.80 -16.01
C SER A 53 15.61 -17.27 -16.10
N ASN A 54 15.24 -16.59 -15.00
CA ASN A 54 15.07 -15.12 -15.02
C ASN A 54 16.29 -14.28 -14.62
N GLY A 55 17.46 -14.91 -14.54
CA GLY A 55 18.70 -14.16 -14.25
C GLY A 55 18.91 -13.88 -12.78
N LEU A 56 18.25 -14.67 -11.93
CA LEU A 56 18.34 -14.51 -10.48
C LEU A 56 19.27 -15.54 -9.83
N PRO A 57 20.16 -15.08 -8.94
CA PRO A 57 21.09 -15.97 -8.27
C PRO A 57 20.41 -16.80 -7.16
N THR A 58 20.10 -18.04 -7.51
CA THR A 58 19.33 -18.92 -6.65
C THR A 58 20.19 -20.04 -6.08
N TYR A 59 21.49 -20.00 -6.37
CA TYR A 59 22.42 -21.03 -5.95
C TYR A 59 23.04 -20.71 -4.59
N SER A 60 22.56 -21.36 -3.53
CA SER A 60 22.96 -21.04 -2.16
C SER A 60 24.32 -21.61 -1.70
N PRO A 61 25.04 -20.83 -0.88
CA PRO A 61 26.35 -21.30 -0.46
C PRO A 61 26.31 -22.32 0.70
N LYS A 62 27.39 -23.10 0.83
CA LYS A 62 27.57 -23.97 1.97
C LYS A 62 27.74 -23.06 3.17
N ILE A 63 26.93 -23.29 4.20
CA ILE A 63 27.03 -22.58 5.47
C ILE A 63 27.00 -23.65 6.55
N SER A 64 27.86 -23.46 7.56
CA SER A 64 27.99 -24.42 8.65
C SER A 64 28.39 -23.70 9.95
N TRP A 65 28.34 -24.44 11.06
CA TRP A 65 28.52 -23.84 12.37
C TRP A 65 28.81 -24.91 13.41
N GLN A 66 29.28 -24.50 14.58
CA GLN A 66 29.55 -25.47 15.64
C GLN A 66 28.30 -26.20 16.06
N LYS A 67 28.44 -27.46 16.43
CA LYS A 67 27.35 -28.20 17.07
C LYS A 67 27.09 -27.51 18.40
N VAL A 68 25.82 -27.40 18.77
CA VAL A 68 25.47 -26.82 20.06
C VAL A 68 24.82 -27.93 20.85
N GLU A 69 25.42 -28.30 21.98
N GLU A 69 25.41 -28.31 21.98
CA GLU A 69 24.88 -29.38 22.81
CA GLU A 69 24.89 -29.42 22.78
C GLU A 69 23.51 -28.99 23.30
C GLU A 69 23.55 -29.04 23.39
N GLY A 70 22.55 -29.90 23.23
CA GLY A 70 21.19 -29.63 23.65
C GLY A 70 20.26 -29.41 22.47
N ALA A 71 20.82 -28.92 21.37
CA ALA A 71 20.06 -28.59 20.15
C ALA A 71 19.46 -29.83 19.51
N GLN A 72 18.36 -29.64 18.77
CA GLN A 72 17.67 -30.75 18.11
C GLN A 72 17.30 -30.36 16.70
N SER A 73 17.43 -29.06 16.42
CA SER A 73 17.32 -28.50 15.08
C SER A 73 17.92 -27.11 15.13
N TYR A 74 18.14 -26.54 13.96
CA TYR A 74 18.63 -25.19 13.84
C TYR A 74 17.73 -24.47 12.86
N ALA A 75 17.72 -23.14 12.95
CA ALA A 75 17.13 -22.27 11.95
C ALA A 75 18.17 -21.24 11.48
N LEU A 76 17.91 -20.61 10.33
CA LEU A 76 18.85 -19.62 9.78
C LEU A 76 18.12 -18.51 9.03
N GLU A 77 18.53 -17.27 9.30
CA GLU A 77 18.09 -16.12 8.50
C GLU A 77 19.29 -15.40 7.90
N LEU A 78 19.17 -14.96 6.65
CA LEU A 78 20.25 -14.23 5.97
C LEU A 78 19.73 -12.86 5.55
N ILE A 79 20.33 -11.81 6.11
CA ILE A 79 19.78 -10.48 6.04
C ILE A 79 20.83 -9.44 5.57
N ASP A 80 20.38 -8.48 4.75
CA ASP A 80 21.25 -7.42 4.25
C ASP A 80 20.86 -6.10 4.90
N HIS A 81 21.65 -5.72 5.89
CA HIS A 81 21.45 -4.46 6.60
C HIS A 81 21.76 -3.29 5.69
N ASP A 82 22.73 -3.48 4.79
CA ASP A 82 23.12 -2.42 3.86
C ASP A 82 22.02 -2.07 2.87
N ALA A 83 20.96 -2.88 2.83
CA ALA A 83 19.87 -2.59 1.92
C ALA A 83 18.95 -1.47 2.44
N GLN A 84 19.12 -1.06 3.70
CA GLN A 84 18.25 -0.02 4.24
C GLN A 84 18.45 1.31 3.54
N LYS A 85 19.72 1.68 3.38
CA LYS A 85 20.12 2.85 2.60
C LYS A 85 19.52 2.81 1.19
N VAL A 86 19.59 1.64 0.55
CA VAL A 86 19.13 1.46 -0.82
C VAL A 86 17.63 1.52 -0.94
N CYS A 87 16.89 0.93 -0.02
CA CYS A 87 15.43 0.90 -0.25
C CYS A 87 14.54 1.14 0.94
N GLY A 88 15.11 1.63 2.04
CA GLY A 88 14.32 2.04 3.19
C GLY A 88 14.32 1.03 4.31
N PRO A 90 15.92 -3.17 5.64
CA PRO A 90 16.83 -4.27 5.31
C PRO A 90 16.11 -5.41 4.56
N PHE A 91 16.84 -6.09 3.69
CA PHE A 91 16.27 -7.04 2.75
C PHE A 91 16.49 -8.46 3.25
N VAL A 92 15.45 -9.26 3.19
CA VAL A 92 15.56 -10.66 3.59
C VAL A 92 15.89 -11.55 2.40
N HIS A 93 17.08 -12.15 2.46
CA HIS A 93 17.62 -13.08 1.45
C HIS A 93 17.27 -14.57 1.61
N TRP A 94 17.32 -15.08 2.83
CA TRP A 94 17.03 -16.49 3.08
C TRP A 94 16.47 -16.69 4.50
N VAL A 95 15.41 -17.47 4.62
CA VAL A 95 15.01 -17.94 5.93
C VAL A 95 14.75 -19.43 5.87
N VAL A 96 15.41 -20.16 6.75
CA VAL A 96 15.28 -21.61 6.77
C VAL A 96 15.16 -22.16 8.18
N GLY A 97 14.19 -23.05 8.38
CA GLY A 97 14.04 -23.76 9.64
C GLY A 97 14.05 -25.25 9.38
N ASN A 98 13.92 -26.02 10.46
CA ASN A 98 14.00 -27.50 10.41
C ASN A 98 15.31 -28.00 9.78
N ILE A 99 16.41 -27.40 10.21
CA ILE A 99 17.72 -27.87 9.83
C ILE A 99 18.13 -28.89 10.88
N ALA A 100 18.11 -30.17 10.49
CA ALA A 100 18.46 -31.24 11.41
C ALA A 100 19.94 -31.27 11.84
N HIS A 101 20.83 -30.74 11.02
CA HIS A 101 22.25 -30.85 11.31
C HIS A 101 23.00 -29.53 11.23
N ASN A 102 24.23 -29.48 11.75
CA ASN A 102 24.94 -28.20 11.86
C ASN A 102 25.59 -27.67 10.57
N VAL A 103 24.98 -27.97 9.44
CA VAL A 103 25.45 -27.54 8.12
C VAL A 103 24.28 -27.39 7.14
N LEU A 104 24.38 -26.40 6.26
CA LEU A 104 23.62 -26.40 5.01
C LEU A 104 24.62 -26.55 3.87
N GLU A 105 24.40 -27.62 3.13
CA GLU A 105 25.31 -28.08 2.10
C GLU A 105 25.14 -27.13 0.90
N GLU A 106 26.17 -26.93 0.10
CA GLU A 106 26.10 -26.03 -1.05
C GLU A 106 24.88 -26.36 -1.93
N ASN A 107 24.17 -25.34 -2.39
CA ASN A 107 22.96 -25.51 -3.21
C ASN A 107 21.79 -26.10 -2.43
N ALA A 108 21.85 -26.04 -1.10
CA ALA A 108 20.81 -26.63 -0.28
C ALA A 108 19.41 -26.08 -0.61
N SER A 109 19.33 -24.79 -0.94
CA SER A 109 18.04 -24.18 -1.19
C SER A 109 17.25 -24.91 -2.29
N ASP A 112 17.95 -29.41 -0.85
CA ASP A 112 17.60 -29.98 0.44
C ASP A 112 16.08 -30.09 0.60
N LYS A 113 15.60 -31.32 0.81
CA LYS A 113 14.17 -31.54 0.87
C LYS A 113 13.62 -31.75 2.27
N ARG A 114 14.49 -31.66 3.28
CA ARG A 114 14.06 -31.79 4.67
C ARG A 114 13.80 -30.42 5.32
N ILE A 115 14.60 -29.42 4.92
CA ILE A 115 14.44 -28.09 5.45
C ILE A 115 13.13 -27.46 4.97
N VAL A 116 12.68 -26.46 5.70
CA VAL A 116 11.51 -25.71 5.29
C VAL A 116 11.99 -24.27 5.12
N GLN A 117 11.55 -23.63 4.05
CA GLN A 117 12.11 -22.33 3.63
C GLN A 117 11.09 -21.19 3.60
N GLY A 118 11.49 -20.01 4.10
CA GLY A 118 10.62 -18.85 4.27
C GLY A 118 10.65 -17.94 3.06
N VAL A 119 9.77 -16.94 3.08
CA VAL A 119 9.56 -16.06 1.92
C VAL A 119 10.57 -14.93 1.93
N ASN A 120 11.29 -14.75 0.82
CA ASN A 120 12.30 -13.69 0.79
C ASN A 120 11.73 -12.34 0.32
N SER A 121 12.55 -11.30 0.37
CA SER A 121 12.09 -9.95 0.08
C SER A 121 11.86 -9.60 -1.38
N LEU A 122 12.04 -10.53 -2.30
CA LEU A 122 11.66 -10.27 -3.69
C LEU A 122 10.17 -10.46 -3.87
N THR A 123 9.49 -10.97 -2.85
CA THR A 123 8.11 -11.36 -2.99
C THR A 123 7.20 -10.18 -3.33
N GLN A 124 6.09 -10.44 -4.01
N GLN A 124 6.09 -10.49 -4.02
CA GLN A 124 5.07 -9.41 -4.15
CA GLN A 124 5.03 -9.54 -4.33
C GLN A 124 3.79 -10.02 -3.63
C GLN A 124 3.77 -9.96 -3.58
N GLY A 125 3.94 -10.86 -2.61
CA GLY A 125 2.79 -11.49 -1.93
C GLY A 125 2.62 -11.06 -0.49
N PHE A 126 3.37 -10.04 -0.07
CA PHE A 126 3.17 -9.41 1.24
C PHE A 126 1.77 -8.80 1.31
N ILE A 127 1.27 -8.56 2.52
CA ILE A 127 -0.17 -8.23 2.71
C ILE A 127 -0.68 -6.98 1.96
N ARG A 128 0.14 -5.94 1.87
CA ARG A 128 -0.39 -4.73 1.26
C ARG A 128 -0.18 -4.65 -0.25
N SER A 129 0.30 -5.75 -0.82
CA SER A 129 0.50 -5.89 -2.24
C SER A 129 -0.84 -5.76 -2.98
N PRO A 130 -0.81 -5.23 -4.22
CA PRO A 130 -2.03 -5.10 -5.01
C PRO A 130 -2.44 -6.35 -5.76
N LEU A 131 -1.78 -7.48 -5.52
CA LEU A 131 -2.19 -8.74 -6.17
C LEU A 131 -3.30 -9.37 -5.34
N ASN A 132 -4.13 -10.22 -5.96
CA ASN A 132 -5.18 -10.89 -5.20
C ASN A 132 -4.62 -12.01 -4.34
N GLU A 133 -5.46 -12.55 -3.44
CA GLU A 133 -5.04 -13.61 -2.53
C GLU A 133 -4.27 -14.77 -3.22
N SER A 134 -4.72 -15.24 -4.39
CA SER A 134 -4.10 -16.41 -5.09
C SER A 134 -2.74 -16.10 -5.67
N GLU A 135 -2.60 -14.88 -6.19
CA GLU A 135 -1.36 -14.44 -6.80
C GLU A 135 -0.36 -14.06 -5.72
N LYS A 136 -0.87 -13.68 -4.54
N LYS A 136 -0.86 -13.67 -4.55
CA LYS A 136 -0.01 -13.41 -3.41
CA LYS A 136 0.00 -13.40 -3.40
C LYS A 136 0.61 -14.72 -2.97
C LYS A 136 0.60 -14.71 -2.93
N GLN A 137 -0.22 -15.76 -2.96
CA GLN A 137 0.17 -17.10 -2.54
C GLN A 137 1.19 -17.69 -3.51
N ARG A 138 0.90 -17.53 -4.80
N ARG A 138 0.91 -17.55 -4.80
CA ARG A 138 1.79 -18.00 -5.86
CA ARG A 138 1.82 -18.04 -5.84
C ARG A 138 3.15 -17.34 -5.74
C ARG A 138 3.17 -17.33 -5.78
N SER A 139 3.16 -16.01 -5.57
CA SER A 139 4.41 -15.23 -5.44
C SER A 139 5.21 -15.55 -4.16
N ASN A 140 4.51 -15.80 -3.06
CA ASN A 140 5.15 -16.22 -1.84
C ASN A 140 5.87 -17.56 -1.95
N LEU A 141 5.17 -18.58 -2.46
CA LEU A 141 5.82 -19.88 -2.74
C LEU A 141 6.94 -19.70 -3.73
N ASN A 142 6.69 -18.94 -4.79
CA ASN A 142 7.77 -18.68 -5.75
C ASN A 142 9.03 -18.15 -5.11
N ASN A 143 8.86 -17.33 -4.08
CA ASN A 143 10.00 -16.63 -3.48
C ASN A 143 10.42 -17.27 -2.16
N SER A 144 9.96 -18.48 -1.91
CA SER A 144 10.33 -19.13 -0.68
C SER A 144 11.65 -19.88 -0.84
N VAL A 145 12.70 -19.14 -1.22
CA VAL A 145 14.02 -19.68 -1.53
C VAL A 145 15.12 -18.69 -1.20
N TYR A 146 16.35 -19.12 -1.36
CA TYR A 146 17.51 -18.25 -1.27
C TYR A 146 17.56 -17.34 -2.50
N ILE A 147 17.68 -16.05 -2.25
CA ILE A 147 18.01 -15.09 -3.30
C ILE A 147 19.36 -14.48 -2.90
N GLY A 148 20.30 -14.44 -3.85
CA GLY A 148 21.69 -14.07 -3.56
C GLY A 148 21.89 -12.56 -3.53
N PRO A 149 23.06 -12.10 -3.04
CA PRO A 149 23.39 -10.67 -3.05
C PRO A 149 23.34 -10.04 -4.44
N PRO A 151 23.95 -6.13 -4.72
CA PRO A 151 23.97 -4.75 -4.22
C PRO A 151 24.27 -3.72 -5.30
N PRO A 152 23.39 -2.71 -5.48
CA PRO A 152 23.57 -1.80 -6.64
C PRO A 152 24.52 -0.63 -6.38
N ASN A 153 24.60 -0.15 -5.15
CA ASN A 153 25.35 1.05 -4.83
C ASN A 153 26.79 0.76 -4.39
N GLY A 154 27.20 -0.51 -4.36
CA GLY A 154 28.56 -0.84 -3.92
C GLY A 154 28.57 -2.14 -3.16
N ASP A 155 29.74 -2.56 -2.69
CA ASP A 155 29.86 -3.85 -1.98
C ASP A 155 29.07 -3.77 -0.70
N HIS A 156 28.49 -4.89 -0.28
CA HIS A 156 27.69 -4.96 0.93
C HIS A 156 28.19 -6.04 1.87
N HIS A 157 27.99 -5.83 3.16
CA HIS A 157 28.10 -6.89 4.13
C HIS A 157 26.73 -7.55 4.27
N TYR A 158 26.74 -8.83 4.59
CA TYR A 158 25.52 -9.59 4.74
C TYR A 158 25.67 -10.34 6.03
N LEU A 159 24.57 -10.46 6.75
CA LEU A 159 24.56 -11.12 8.04
C LEU A 159 23.83 -12.46 7.98
N ILE A 160 24.57 -13.53 8.28
CA ILE A 160 23.98 -14.85 8.50
C ILE A 160 23.75 -14.86 10.00
N GLN A 161 22.56 -15.27 10.42
CA GLN A 161 22.33 -15.53 11.83
C GLN A 161 21.75 -16.93 12.00
N VAL A 162 22.37 -17.75 12.85
CA VAL A 162 21.90 -19.12 13.05
C VAL A 162 21.35 -19.33 14.46
N TYR A 163 20.21 -19.98 14.55
CA TYR A 163 19.59 -20.22 15.84
C TYR A 163 19.63 -21.70 16.18
N ALA A 164 20.11 -22.04 17.37
CA ALA A 164 20.06 -23.41 17.85
C ALA A 164 18.81 -23.60 18.71
N LEU A 165 18.01 -24.61 18.38
CA LEU A 165 16.72 -24.82 19.04
C LEU A 165 16.65 -26.08 19.91
N ASP A 166 15.84 -26.05 20.96
CA ASP A 166 15.71 -27.23 21.80
C ASP A 166 14.58 -28.13 21.35
N ILE A 167 14.04 -27.91 20.15
CA ILE A 167 13.01 -28.78 19.60
C ILE A 167 13.38 -29.28 18.21
N PRO A 168 12.94 -30.50 17.87
CA PRO A 168 13.32 -31.04 16.55
C PRO A 168 12.59 -30.38 15.36
N LYS A 169 11.32 -30.03 15.53
CA LYS A 169 10.55 -29.48 14.43
C LYS A 169 9.74 -28.22 14.75
N LEU A 170 9.77 -27.27 13.82
CA LEU A 170 9.02 -26.05 13.90
C LEU A 170 7.72 -26.28 13.16
N ALA A 171 6.61 -25.78 13.69
CA ALA A 171 5.33 -25.94 12.99
C ALA A 171 5.16 -24.85 11.93
N LEU A 172 5.93 -24.97 10.86
CA LEU A 172 5.95 -23.98 9.78
C LEU A 172 5.74 -24.64 8.43
N LYS A 173 4.81 -24.08 7.65
CA LYS A 173 4.52 -24.57 6.31
C LYS A 173 4.65 -23.41 5.32
N ALA A 174 5.42 -23.60 4.23
CA ALA A 174 5.53 -22.58 3.16
C ALA A 174 4.14 -22.29 2.61
N PRO A 175 3.76 -21.00 2.51
CA PRO A 175 4.55 -19.79 2.70
C PRO A 175 4.54 -19.26 4.13
N PHE A 176 5.70 -18.93 4.66
CA PHE A 176 5.78 -18.30 5.98
C PHE A 176 6.80 -17.20 5.93
N PHE A 177 6.67 -16.25 6.86
CA PHE A 177 7.53 -15.10 6.84
C PHE A 177 8.47 -15.07 8.03
N LEU A 178 9.42 -14.13 7.99
CA LEU A 178 10.46 -14.00 9.01
C LEU A 178 9.91 -14.00 10.42
N GLY A 179 8.77 -13.33 10.64
CA GLY A 179 8.16 -13.24 11.97
C GLY A 179 7.50 -14.54 12.36
N ASP A 180 7.11 -15.34 11.38
CA ASP A 180 6.56 -16.66 11.68
C ASP A 180 7.65 -17.58 12.21
N LEU A 181 8.83 -17.55 11.58
CA LEU A 181 9.98 -18.25 12.13
C LEU A 181 10.14 -17.86 13.61
N HIS A 182 10.23 -16.55 13.86
CA HIS A 182 10.43 -16.05 15.22
C HIS A 182 9.32 -16.43 16.20
N ASP A 183 8.09 -16.50 15.70
CA ASP A 183 6.98 -16.94 16.54
C ASP A 183 7.20 -18.38 16.99
N LYS A 184 7.55 -19.26 16.05
CA LYS A 184 7.72 -20.65 16.39
C LYS A 184 9.04 -20.90 17.12
N ARG A 186 10.30 -18.77 19.34
CA ARG A 186 10.24 -18.09 20.64
C ARG A 186 10.22 -19.09 21.83
N ASN A 187 11.06 -18.82 22.84
CA ASN A 187 11.20 -19.70 24.02
C ASN A 187 11.92 -21.02 23.75
N HIS A 188 12.46 -21.21 22.55
CA HIS A 188 13.14 -22.44 22.22
C HIS A 188 14.59 -22.23 21.78
N ILE A 189 15.07 -21.00 21.88
CA ILE A 189 16.43 -20.66 21.45
C ILE A 189 17.40 -20.85 22.61
N ILE A 190 18.33 -21.80 22.46
CA ILE A 190 19.36 -22.02 23.47
C ILE A 190 20.64 -21.29 23.13
N ALA A 191 20.87 -21.04 21.84
CA ALA A 191 22.05 -20.25 21.42
C ALA A 191 21.89 -19.62 20.05
N ILE A 192 22.69 -18.59 19.79
CA ILE A 192 22.67 -17.89 18.52
C ILE A 192 24.09 -17.67 18.04
N GLY A 193 24.31 -17.82 16.74
CA GLY A 193 25.59 -17.55 16.10
C GLY A 193 25.41 -16.55 14.97
N ARG A 194 26.40 -15.66 14.84
N ARG A 194 26.40 -15.66 14.80
CA ARG A 194 26.40 -14.60 13.86
CA ARG A 194 26.30 -14.54 13.87
C ARG A 194 27.61 -14.73 12.97
C ARG A 194 27.61 -14.37 13.06
N LYS A 195 27.49 -14.28 11.73
CA LYS A 195 28.65 -14.19 10.82
C LYS A 195 28.35 -13.37 9.58
N GLU A 196 29.30 -12.52 9.20
CA GLU A 196 29.13 -11.63 8.06
C GLU A 196 30.02 -12.04 6.89
N PHE A 197 29.62 -11.64 5.69
CA PHE A 197 30.47 -11.83 4.52
C PHE A 197 30.23 -10.69 3.56
N LEU A 198 31.11 -10.54 2.58
CA LEU A 198 30.99 -9.51 1.57
C LEU A 198 30.62 -10.07 0.20
N TYR A 199 29.97 -9.23 -0.61
CA TYR A 199 29.71 -9.55 -2.00
C TYR A 199 29.83 -8.26 -2.79
N LYS A 200 30.60 -8.33 -3.88
CA LYS A 200 30.91 -7.18 -4.71
C LYS A 200 29.65 -6.57 -5.33
N GLN A 201 29.70 -5.25 -5.53
CA GLN A 201 28.72 -4.52 -6.32
C GLN A 201 28.28 -5.22 -7.63
N PHE A 202 27.01 -5.09 -7.97
CA PHE A 202 26.42 -5.81 -9.09
C PHE A 202 26.22 -4.96 -10.36
N VAL A 203 26.51 -5.59 -11.52
CA VAL A 203 26.39 -5.14 -12.97
C VAL A 203 27.70 -4.64 -13.54
N LYS B 24 30.17 -12.72 24.30
CA LYS B 24 29.20 -12.77 25.40
C LYS B 24 27.78 -12.31 25.04
N THR B 25 26.82 -12.72 25.85
CA THR B 25 25.49 -12.10 25.83
C THR B 25 25.14 -11.46 27.19
N PHE B 26 24.21 -10.50 27.17
CA PHE B 26 23.76 -9.80 28.36
C PHE B 26 22.26 -9.51 28.32
N GLU B 27 21.67 -9.32 29.49
CA GLU B 27 20.25 -9.13 29.59
C GLU B 27 19.85 -7.67 29.30
N VAL B 28 18.74 -7.54 28.57
CA VAL B 28 18.13 -6.25 28.21
C VAL B 28 16.69 -6.14 28.80
N ILE B 30 12.89 -3.81 29.38
CA ILE B 30 11.88 -2.82 29.04
C ILE B 30 10.61 -3.13 29.87
N GLN B 31 10.03 -2.12 30.50
CA GLN B 31 8.80 -2.29 31.27
C GLN B 31 7.63 -2.76 30.37
N THR B 32 7.05 -3.90 30.69
CA THR B 32 5.89 -4.36 29.94
C THR B 32 4.73 -4.79 30.83
N ASP B 33 3.55 -4.90 30.23
CA ASP B 33 2.38 -5.61 30.77
C ASP B 33 2.73 -6.87 31.53
N SER B 34 1.78 -7.35 32.32
CA SER B 34 1.84 -8.74 32.76
C SER B 34 1.76 -9.69 31.55
N LYS B 35 0.97 -9.32 30.55
CA LYS B 35 0.90 -10.06 29.29
C LYS B 35 2.11 -9.84 28.34
N GLY B 36 3.01 -8.90 28.63
CA GLY B 36 4.19 -8.63 27.76
C GLY B 36 4.08 -7.47 26.75
N TYR B 37 3.00 -6.69 26.86
CA TYR B 37 2.78 -5.50 26.03
C TYR B 37 3.44 -4.24 26.56
N LEU B 38 4.09 -3.49 25.67
CA LEU B 38 4.60 -2.17 26.00
C LEU B 38 3.43 -1.19 26.00
N ASP B 39 3.39 -0.27 26.96
CA ASP B 39 2.30 0.71 27.08
C ASP B 39 1.99 1.52 25.80
N ALA B 40 0.70 1.64 25.52
CA ALA B 40 0.17 2.37 24.37
C ALA B 40 0.93 3.66 23.98
N LYS B 41 1.38 4.42 24.98
CA LYS B 41 1.96 5.74 24.75
C LYS B 41 3.18 5.68 23.85
N PHE B 42 3.80 4.51 23.76
CA PHE B 42 5.03 4.35 23.00
C PHE B 42 4.83 3.96 21.53
N GLY B 43 3.58 3.91 21.06
CA GLY B 43 3.32 3.46 19.68
C GLY B 43 2.09 3.99 18.96
N GLY B 44 1.52 5.08 19.43
CA GLY B 44 0.50 5.67 18.57
C GLY B 44 -0.87 5.02 18.57
N ASN B 45 -1.11 4.06 19.45
CA ASN B 45 -2.41 3.99 20.08
C ASN B 45 -2.34 5.03 21.20
N ALA B 46 -1.19 5.72 21.25
CA ALA B 46 -0.87 6.68 22.30
C ALA B 46 -1.90 7.79 22.45
N PRO B 47 -2.11 8.25 23.68
CA PRO B 47 -2.79 9.54 23.87
C PRO B 47 -2.07 10.63 23.07
N LYS B 48 -2.83 11.54 22.44
CA LYS B 48 -2.26 12.54 21.52
C LYS B 48 -1.16 13.41 22.15
N ALA B 49 -1.10 13.43 23.48
CA ALA B 49 -0.05 14.17 24.18
C ALA B 49 1.35 13.58 23.98
N PHE B 50 1.40 12.29 23.64
CA PHE B 50 2.67 11.60 23.40
C PHE B 50 3.01 11.47 21.91
N LEU B 51 2.18 12.04 21.05
CA LEU B 51 2.49 12.10 19.62
C LEU B 51 3.03 13.47 19.25
N ASN B 52 3.59 13.57 18.04
CA ASN B 52 3.95 14.88 17.54
C ASN B 52 2.77 15.48 16.81
N SER B 53 2.99 16.67 16.27
CA SER B 53 1.89 17.45 15.76
C SER B 53 1.28 16.80 14.54
N ASN B 54 2.04 15.91 13.89
CA ASN B 54 1.56 15.18 12.71
C ASN B 54 0.92 13.83 13.01
N GLY B 55 0.78 13.48 14.30
CA GLY B 55 0.22 12.17 14.69
C GLY B 55 1.20 11.00 14.87
N LEU B 56 2.50 11.27 14.85
CA LEU B 56 3.50 10.19 14.91
C LEU B 56 4.03 9.87 16.32
N PRO B 57 4.17 8.57 16.63
CA PRO B 57 4.68 8.12 17.91
C PRO B 57 6.18 8.22 18.00
N THR B 58 6.68 9.38 18.42
CA THR B 58 8.12 9.57 18.55
C THR B 58 8.59 9.56 20.02
N TYR B 59 7.71 9.17 20.94
CA TYR B 59 8.05 9.12 22.37
C TYR B 59 8.68 7.76 22.74
N SER B 60 9.99 7.75 22.90
CA SER B 60 10.73 6.50 23.08
C SER B 60 10.65 5.96 24.52
N PRO B 61 10.49 4.65 24.68
CA PRO B 61 10.41 4.00 25.99
C PRO B 61 11.76 3.93 26.72
N LYS B 62 11.74 3.88 28.05
CA LYS B 62 12.97 3.62 28.78
C LYS B 62 13.43 2.18 28.46
N ILE B 63 14.70 2.06 28.08
CA ILE B 63 15.32 0.75 27.84
C ILE B 63 16.66 0.70 28.56
N SER B 64 16.90 -0.36 29.32
CA SER B 64 18.18 -0.50 30.03
C SER B 64 18.67 -1.93 29.97
N TRP B 65 19.91 -2.15 30.42
CA TRP B 65 20.56 -3.44 30.29
C TRP B 65 21.71 -3.56 31.30
N GLN B 66 22.10 -4.79 31.61
CA GLN B 66 23.21 -5.00 32.54
C GLN B 66 24.50 -4.44 31.96
N LYS B 67 25.25 -3.68 32.77
N LYS B 67 25.26 -3.70 32.78
CA LYS B 67 26.57 -3.16 32.39
CA LYS B 67 26.59 -3.20 32.46
C LYS B 67 27.49 -4.31 32.00
C LYS B 67 27.49 -4.34 32.00
N VAL B 68 28.25 -4.12 30.92
CA VAL B 68 29.23 -5.14 30.51
C VAL B 68 30.69 -4.69 30.65
N GLU B 69 31.51 -5.63 31.10
CA GLU B 69 32.91 -5.40 31.37
C GLU B 69 33.64 -5.01 30.10
N GLY B 70 34.36 -3.89 30.17
CA GLY B 70 35.16 -3.40 29.06
C GLY B 70 34.39 -2.53 28.06
N ALA B 71 33.07 -2.45 28.22
CA ALA B 71 32.25 -1.64 27.32
C ALA B 71 32.51 -0.17 27.50
N GLN B 72 33.02 0.48 26.46
CA GLN B 72 33.24 1.94 26.43
C GLN B 72 32.00 2.72 25.99
N SER B 73 31.13 2.05 25.24
CA SER B 73 29.88 2.62 24.76
C SER B 73 28.96 1.48 24.35
N TYR B 74 27.69 1.81 24.17
CA TYR B 74 26.70 0.86 23.67
C TYR B 74 26.02 1.42 22.47
N ALA B 75 25.35 0.54 21.73
CA ALA B 75 24.48 0.97 20.66
C ALA B 75 23.27 0.07 20.62
N LEU B 76 22.21 0.56 20.00
CA LEU B 76 20.93 -0.12 20.01
C LEU B 76 20.30 -0.06 18.63
N GLU B 77 19.53 -1.09 18.28
CA GLU B 77 18.64 -1.05 17.15
C GLU B 77 17.31 -1.70 17.53
N LEU B 78 16.21 -1.22 16.95
CA LEU B 78 14.89 -1.81 17.22
C LEU B 78 14.20 -2.10 15.92
N ILE B 79 13.91 -3.38 15.70
CA ILE B 79 13.32 -3.90 14.45
C ILE B 79 12.02 -4.69 14.65
N ASP B 80 11.16 -4.62 13.64
CA ASP B 80 9.95 -5.40 13.59
C ASP B 80 9.99 -6.42 12.46
N HIS B 81 10.31 -7.66 12.79
CA HIS B 81 10.31 -8.72 11.82
C HIS B 81 8.90 -9.00 11.30
N ASP B 82 7.91 -8.79 12.16
CA ASP B 82 6.52 -9.06 11.79
C ASP B 82 6.07 -8.16 10.65
N ALA B 83 6.79 -7.06 10.41
CA ALA B 83 6.53 -6.20 9.25
C ALA B 83 6.77 -6.90 7.91
N GLN B 84 7.68 -7.86 7.87
CA GLN B 84 7.97 -8.54 6.61
C GLN B 84 6.75 -9.07 5.87
N LYS B 85 5.83 -9.69 6.61
CA LYS B 85 4.57 -10.16 6.06
C LYS B 85 3.69 -9.02 5.55
N VAL B 86 3.79 -7.86 6.19
CA VAL B 86 2.90 -6.77 5.87
C VAL B 86 3.37 -6.07 4.59
N CYS B 87 4.67 -5.80 4.51
CA CYS B 87 5.15 -4.97 3.41
C CYS B 87 6.30 -5.62 2.65
N GLY B 88 6.83 -6.72 3.16
CA GLY B 88 7.87 -7.43 2.42
C GLY B 88 9.25 -7.40 3.06
N PRO B 90 11.50 -6.48 7.04
CA PRO B 90 11.38 -6.02 8.43
C PRO B 90 11.54 -4.52 8.47
N PHE B 91 10.98 -3.87 9.48
CA PHE B 91 10.94 -2.42 9.56
C PHE B 91 11.87 -1.94 10.67
N VAL B 92 12.70 -0.94 10.37
CA VAL B 92 13.60 -0.38 11.38
C VAL B 92 12.88 0.72 12.17
N HIS B 93 12.72 0.53 13.47
CA HIS B 93 12.05 1.53 14.31
C HIS B 93 13.01 2.55 14.94
N TRP B 94 14.21 2.12 15.26
CA TRP B 94 15.12 2.98 15.99
C TRP B 94 16.52 2.46 15.80
N VAL B 95 17.46 3.37 15.61
CA VAL B 95 18.87 3.04 15.45
C VAL B 95 19.61 4.06 16.30
N VAL B 96 20.41 3.60 17.23
CA VAL B 96 21.12 4.56 18.07
C VAL B 96 22.56 4.14 18.44
N GLY B 97 23.48 5.10 18.38
CA GLY B 97 24.86 4.89 18.77
C GLY B 97 25.35 5.93 19.77
N ASN B 98 26.56 5.71 20.27
CA ASN B 98 27.18 6.62 21.24
C ASN B 98 26.43 6.72 22.56
N ILE B 99 25.87 5.62 23.01
CA ILE B 99 25.25 5.53 24.32
C ILE B 99 26.39 5.29 25.30
N ALA B 100 26.58 6.22 26.23
CA ALA B 100 27.70 6.16 27.20
C ALA B 100 27.36 5.27 28.40
N HIS B 101 26.07 5.20 28.71
CA HIS B 101 25.65 4.47 29.87
C HIS B 101 24.76 3.30 29.48
N ASN B 102 24.56 2.38 30.41
CA ASN B 102 23.76 1.20 30.14
C ASN B 102 22.25 1.44 30.26
N VAL B 103 21.76 2.51 29.64
CA VAL B 103 20.33 2.85 29.75
C VAL B 103 20.03 3.99 28.81
N LEU B 104 18.86 3.94 28.18
CA LEU B 104 18.30 5.13 27.53
C LEU B 104 17.07 5.54 28.30
N GLU B 105 17.04 6.77 28.77
CA GLU B 105 15.92 7.24 29.57
C GLU B 105 14.70 7.47 28.70
N GLU B 106 13.53 7.34 29.31
CA GLU B 106 12.30 7.68 28.62
C GLU B 106 12.41 9.04 27.90
N ASN B 107 11.81 9.12 26.71
CA ASN B 107 11.88 10.30 25.83
C ASN B 107 13.28 10.60 25.32
N ALA B 108 14.18 9.64 25.44
CA ALA B 108 15.56 9.79 25.02
C ALA B 108 15.72 10.25 23.56
N SER B 109 14.94 9.68 22.65
CA SER B 109 15.03 10.05 21.25
C SER B 109 14.89 11.57 21.05
N ASP B 112 17.85 13.31 24.61
CA ASP B 112 19.25 12.98 24.87
C ASP B 112 20.22 13.63 23.88
N LYS B 113 21.10 14.48 24.40
CA LYS B 113 21.99 15.27 23.55
C LYS B 113 23.26 14.52 23.15
N ARG B 114 23.52 13.43 23.87
N ARG B 114 23.59 13.47 23.89
CA ARG B 114 24.79 12.71 23.83
CA ARG B 114 24.86 12.79 23.66
C ARG B 114 24.83 11.56 22.80
C ARG B 114 24.81 11.68 22.59
N ILE B 115 23.65 11.04 22.45
CA ILE B 115 23.48 9.96 21.46
C ILE B 115 23.39 10.50 20.03
N VAL B 116 23.62 9.59 19.10
CA VAL B 116 23.49 9.86 17.68
C VAL B 116 22.40 8.91 17.14
N GLN B 117 21.59 9.35 16.18
CA GLN B 117 20.46 8.51 15.75
C GLN B 117 20.39 8.29 14.24
N GLY B 118 20.25 7.03 13.85
CA GLY B 118 20.08 6.66 12.44
C GLY B 118 18.70 6.87 11.84
N VAL B 119 18.61 6.70 10.54
CA VAL B 119 17.37 6.88 9.79
C VAL B 119 16.44 5.69 10.02
N ASN B 120 15.19 5.93 10.37
CA ASN B 120 14.24 4.84 10.59
C ASN B 120 13.52 4.51 9.28
N SER B 121 12.63 3.54 9.29
CA SER B 121 12.08 3.03 8.04
C SER B 121 10.87 3.79 7.50
N LEU B 122 10.54 4.92 8.10
CA LEU B 122 9.52 5.81 7.53
C LEU B 122 10.14 6.64 6.44
N THR B 123 11.47 6.82 6.54
CA THR B 123 12.21 7.66 5.59
C THR B 123 11.78 7.48 4.13
N GLN B 124 11.87 8.55 3.35
N GLN B 124 11.86 8.57 3.38
CA GLN B 124 11.66 8.45 1.93
CA GLN B 124 11.61 8.55 1.95
C GLN B 124 12.90 8.99 1.26
C GLN B 124 12.89 8.98 1.26
N GLY B 125 14.00 8.95 2.00
CA GLY B 125 15.29 9.39 1.49
C GLY B 125 16.23 8.29 1.05
N PHE B 126 15.76 7.04 1.02
CA PHE B 126 16.61 5.96 0.53
C PHE B 126 16.98 6.19 -0.95
N ILE B 127 18.12 5.63 -1.40
CA ILE B 127 18.52 5.73 -2.80
C ILE B 127 17.40 5.05 -3.57
N ARG B 128 16.92 5.65 -4.65
CA ARG B 128 15.87 4.98 -5.42
C ARG B 128 14.49 5.22 -4.84
N SER B 129 14.41 6.15 -3.90
CA SER B 129 13.19 6.91 -3.71
C SER B 129 13.06 7.89 -4.87
N PRO B 130 11.81 8.20 -5.29
CA PRO B 130 11.60 9.19 -6.35
C PRO B 130 12.04 10.62 -6.00
N LEU B 131 12.14 10.95 -4.71
CA LEU B 131 12.43 12.32 -4.28
C LEU B 131 13.79 12.81 -4.77
N ASN B 132 13.90 14.11 -5.06
CA ASN B 132 15.17 14.68 -5.51
C ASN B 132 16.23 14.63 -4.40
N GLU B 133 17.48 14.85 -4.77
CA GLU B 133 18.60 14.66 -3.84
C GLU B 133 18.48 15.42 -2.52
N SER B 134 18.01 16.66 -2.60
CA SER B 134 17.91 17.55 -1.45
C SER B 134 16.75 17.15 -0.53
N GLU B 135 15.61 16.79 -1.12
CA GLU B 135 14.46 16.28 -0.37
C GLU B 135 14.82 15.01 0.39
N LYS B 136 15.66 14.17 -0.20
CA LYS B 136 16.07 12.92 0.43
C LYS B 136 16.84 13.15 1.73
N GLN B 137 17.77 14.08 1.67
CA GLN B 137 18.53 14.55 2.83
C GLN B 137 17.62 15.05 3.96
N ARG B 138 16.58 15.81 3.61
CA ARG B 138 15.62 16.27 4.61
C ARG B 138 14.88 15.11 5.22
N SER B 139 14.20 14.32 4.38
CA SER B 139 13.50 13.12 4.81
C SER B 139 14.37 12.25 5.72
N ASN B 140 15.60 11.96 5.29
CA ASN B 140 16.49 11.19 6.14
C ASN B 140 16.68 11.80 7.53
N LEU B 141 16.93 13.12 7.58
CA LEU B 141 17.18 13.82 8.85
C LEU B 141 15.94 13.89 9.69
N ASN B 142 14.82 14.21 9.05
CA ASN B 142 13.52 14.24 9.72
C ASN B 142 13.12 12.90 10.34
N ASN B 143 13.69 11.81 9.86
CA ASN B 143 13.31 10.48 10.31
C ASN B 143 14.47 9.81 11.03
N SER B 144 15.43 10.61 11.48
CA SER B 144 16.53 10.09 12.29
C SER B 144 16.13 10.12 13.77
N VAL B 145 15.05 9.39 14.09
CA VAL B 145 14.46 9.37 15.42
C VAL B 145 13.77 8.03 15.64
N TYR B 146 13.34 7.80 16.88
CA TYR B 146 12.52 6.64 17.20
C TYR B 146 11.15 6.82 16.62
N ILE B 147 10.69 5.81 15.89
CA ILE B 147 9.29 5.72 15.52
C ILE B 147 8.69 4.43 16.11
N GLY B 148 7.64 4.59 16.93
CA GLY B 148 7.05 3.51 17.69
C GLY B 148 6.26 2.51 16.88
N PRO B 149 5.87 1.39 17.51
CA PRO B 149 5.12 0.35 16.82
C PRO B 149 3.82 0.92 16.30
N PRO B 151 1.37 -1.43 14.41
CA PRO B 151 1.17 -2.60 13.58
C PRO B 151 -0.25 -2.68 13.06
N PRO B 152 -0.43 -2.78 11.73
CA PRO B 152 -1.79 -2.68 11.22
C PRO B 152 -2.62 -3.93 11.25
N ASN B 153 -2.00 -5.10 11.16
CA ASN B 153 -2.74 -6.36 10.91
C ASN B 153 -3.05 -7.19 12.14
N GLY B 154 -2.50 -6.77 13.29
CA GLY B 154 -2.60 -7.49 14.56
C GLY B 154 -1.45 -7.08 15.47
N ASP B 155 -1.42 -7.63 16.68
CA ASP B 155 -0.29 -7.41 17.59
C ASP B 155 0.98 -7.94 16.93
N HIS B 156 2.09 -7.23 17.13
CA HIS B 156 3.41 -7.62 16.66
C HIS B 156 4.35 -7.74 17.84
N HIS B 157 5.37 -8.57 17.68
CA HIS B 157 6.55 -8.60 18.54
C HIS B 157 7.56 -7.67 17.90
N TYR B 158 8.32 -6.96 18.74
CA TYR B 158 9.41 -6.11 18.31
C TYR B 158 10.68 -6.63 18.96
N LEU B 159 11.81 -6.52 18.26
CA LEU B 159 13.06 -7.01 18.78
C LEU B 159 14.00 -5.84 19.06
N ILE B 160 14.48 -5.76 20.32
CA ILE B 160 15.51 -4.82 20.71
C ILE B 160 16.80 -5.59 20.73
N GLN B 161 17.80 -5.05 20.05
CA GLN B 161 19.14 -5.62 20.06
C GLN B 161 20.13 -4.56 20.53
N VAL B 162 20.87 -4.88 21.61
CA VAL B 162 21.86 -3.95 22.17
C VAL B 162 23.29 -4.50 21.98
N TYR B 163 24.21 -3.62 21.59
CA TYR B 163 25.60 -3.99 21.34
C TYR B 163 26.48 -3.30 22.35
N ALA B 164 27.43 -4.04 22.90
CA ALA B 164 28.39 -3.47 23.82
C ALA B 164 29.68 -3.29 23.05
N LEU B 165 30.21 -2.09 23.04
CA LEU B 165 31.35 -1.80 22.20
C LEU B 165 32.62 -1.55 23.00
N ASP B 166 33.76 -1.68 22.35
CA ASP B 166 35.05 -1.47 23.02
C ASP B 166 35.68 -0.13 22.65
N ILE B 167 34.91 0.75 22.01
CA ILE B 167 35.36 2.13 21.75
C ILE B 167 34.32 3.15 22.21
N PRO B 168 34.78 4.28 22.78
CA PRO B 168 33.82 5.15 23.50
C PRO B 168 32.82 5.87 22.60
N LYS B 169 33.18 6.04 21.33
N LYS B 169 33.20 6.14 21.35
CA LYS B 169 32.42 6.85 20.39
CA LYS B 169 32.32 6.83 20.41
C LYS B 169 32.55 6.29 18.97
C LYS B 169 32.54 6.36 18.97
N LEU B 170 31.43 6.16 18.27
CA LEU B 170 31.42 5.76 16.87
C LEU B 170 31.54 6.98 15.98
N ALA B 171 32.14 6.84 14.80
CA ALA B 171 32.28 7.96 13.87
C ALA B 171 31.05 8.09 12.98
N LEU B 172 29.93 8.50 13.58
CA LEU B 172 28.66 8.55 12.86
C LEU B 172 27.98 9.92 13.00
N LYS B 173 27.49 10.43 11.88
CA LYS B 173 26.80 11.71 11.90
C LYS B 173 25.51 11.58 11.09
N ALA B 174 24.38 11.98 11.68
CA ALA B 174 23.10 11.93 10.97
C ALA B 174 23.28 12.72 9.66
N PRO B 175 22.71 12.22 8.55
CA PRO B 175 21.96 10.99 8.32
C PRO B 175 22.82 9.74 8.07
N PHE B 176 22.55 8.69 8.85
CA PHE B 176 23.19 7.39 8.61
C PHE B 176 22.18 6.25 8.82
N PHE B 177 22.40 5.18 8.06
CA PHE B 177 21.51 4.03 8.04
C PHE B 177 22.04 2.87 8.89
N LEU B 178 21.18 1.87 9.09
CA LEU B 178 21.52 0.67 9.87
C LEU B 178 22.83 0.03 9.41
N GLY B 179 23.03 -0.03 8.09
CA GLY B 179 24.28 -0.59 7.53
C GLY B 179 25.52 0.16 7.97
N ASP B 180 25.38 1.47 8.11
CA ASP B 180 26.47 2.32 8.54
C ASP B 180 26.77 2.04 10.02
N LEU B 181 25.72 1.81 10.82
CA LEU B 181 25.92 1.56 12.23
C LEU B 181 26.82 0.35 12.33
N HIS B 182 26.53 -0.65 11.51
CA HIS B 182 27.25 -1.90 11.56
C HIS B 182 28.68 -1.79 11.09
N ASP B 183 28.92 -0.95 10.07
CA ASP B 183 30.27 -0.68 9.58
C ASP B 183 31.14 -0.12 10.69
N LYS B 184 30.61 0.80 11.46
CA LYS B 184 31.38 1.41 12.53
C LYS B 184 31.62 0.47 13.71
N ARG B 186 31.78 -2.90 13.46
CA ARG B 186 32.46 -4.13 13.05
C ARG B 186 33.82 -4.22 13.72
N ASN B 187 34.10 -5.36 14.37
CA ASN B 187 35.34 -5.62 15.15
C ASN B 187 35.42 -4.90 16.50
N HIS B 188 34.30 -4.38 16.99
CA HIS B 188 34.33 -3.62 18.26
C HIS B 188 33.27 -4.11 19.23
N ILE B 189 32.48 -5.06 18.75
CA ILE B 189 31.41 -5.63 19.54
C ILE B 189 32.00 -6.63 20.50
N ILE B 190 31.85 -6.39 21.80
CA ILE B 190 32.29 -7.39 22.78
C ILE B 190 31.16 -8.21 23.37
N ALA B 191 29.92 -7.75 23.14
CA ALA B 191 28.73 -8.51 23.56
C ALA B 191 27.42 -8.02 22.93
N ILE B 192 26.43 -8.90 22.84
CA ILE B 192 25.10 -8.55 22.30
C ILE B 192 23.97 -8.97 23.25
N GLY B 193 22.98 -8.10 23.42
CA GLY B 193 21.79 -8.40 24.20
C GLY B 193 20.54 -8.30 23.37
N ARG B 194 19.55 -9.14 23.67
CA ARG B 194 18.32 -9.22 22.88
C ARG B 194 17.11 -9.23 23.79
N LYS B 195 16.08 -8.46 23.43
CA LYS B 195 14.82 -8.47 24.16
C LYS B 195 13.63 -8.20 23.24
N GLU B 196 12.55 -8.96 23.41
CA GLU B 196 11.34 -8.76 22.63
C GLU B 196 10.24 -8.12 23.46
N PHE B 197 9.31 -7.42 22.81
CA PHE B 197 8.10 -6.96 23.48
C PHE B 197 6.94 -6.99 22.49
N LEU B 198 5.73 -6.89 23.02
CA LEU B 198 4.51 -6.86 22.24
C LEU B 198 3.97 -5.43 22.22
N TYR B 199 3.25 -5.11 21.15
CA TYR B 199 2.46 -3.89 21.09
C TYR B 199 1.14 -4.20 20.37
N LYS B 200 0.03 -3.69 20.89
CA LYS B 200 -1.31 -4.00 20.36
C LYS B 200 -1.46 -3.49 18.95
N GLN B 201 -2.18 -4.24 18.13
CA GLN B 201 -2.67 -3.76 16.86
C GLN B 201 -3.16 -2.31 16.96
N PHE B 202 -2.78 -1.51 15.98
CA PHE B 202 -3.19 -0.12 15.88
C PHE B 202 -4.40 -0.03 14.95
N VAL B 203 -5.53 0.51 15.41
CA VAL B 203 -6.66 0.84 14.49
C VAL B 203 -7.00 2.33 14.51
N ARG B 204 -7.78 2.77 13.53
CA ARG B 204 -8.43 4.10 13.59
C ARG B 204 -9.94 4.01 13.66
N LYS C 24 -30.16 13.09 -24.54
CA LYS C 24 -29.69 12.06 -25.46
C LYS C 24 -28.31 11.49 -25.14
N THR C 25 -27.99 10.42 -25.85
CA THR C 25 -26.68 9.83 -25.78
C THR C 25 -26.12 9.73 -27.19
N PHE C 26 -24.86 9.34 -27.29
CA PHE C 26 -24.19 9.17 -28.56
C PHE C 26 -23.07 8.16 -28.39
N GLU C 27 -22.57 7.64 -29.50
CA GLU C 27 -21.51 6.67 -29.42
C GLU C 27 -20.14 7.35 -29.36
N VAL C 28 -19.22 6.64 -28.72
CA VAL C 28 -17.86 7.08 -28.51
C VAL C 28 -16.95 5.93 -28.96
N ILE C 30 -12.86 4.25 -29.62
CA ILE C 30 -11.45 4.12 -29.34
C ILE C 30 -11.02 2.84 -29.99
N GLN C 31 -9.88 2.89 -30.68
CA GLN C 31 -9.39 1.77 -31.42
C GLN C 31 -8.85 0.72 -30.45
N THR C 32 -9.34 -0.52 -30.57
CA THR C 32 -8.86 -1.60 -29.73
C THR C 32 -8.62 -2.89 -30.52
N ASP C 33 -8.10 -3.92 -29.83
CA ASP C 33 -8.06 -5.31 -30.26
C ASP C 33 -9.38 -5.79 -30.82
N SER C 34 -9.36 -6.89 -31.57
CA SER C 34 -10.57 -7.69 -31.81
C SER C 34 -11.23 -7.97 -30.47
N LYS C 35 -10.40 -8.25 -29.46
CA LYS C 35 -10.86 -8.60 -28.09
C LYS C 35 -11.25 -7.39 -27.24
N GLY C 36 -11.05 -6.17 -27.71
CA GLY C 36 -11.40 -4.98 -26.94
C GLY C 36 -10.27 -4.40 -26.08
N TYR C 37 -9.03 -4.81 -26.35
CA TYR C 37 -7.84 -4.29 -25.64
C TYR C 37 -7.17 -3.11 -26.34
N LEU C 38 -6.97 -2.04 -25.58
CA LEU C 38 -6.14 -0.92 -25.98
C LEU C 38 -4.68 -1.40 -26.04
N ASP C 39 -3.90 -0.87 -26.98
CA ASP C 39 -2.53 -1.35 -27.17
C ASP C 39 -1.64 -1.02 -25.99
N ALA C 40 -0.65 -1.87 -25.79
CA ALA C 40 0.29 -1.79 -24.68
C ALA C 40 0.77 -0.36 -24.45
N LYS C 41 0.95 0.38 -25.54
CA LYS C 41 1.67 1.64 -25.48
C LYS C 41 0.93 2.73 -24.71
N PHE C 42 -0.35 2.51 -24.42
CA PHE C 42 -1.19 3.51 -23.77
C PHE C 42 -1.30 3.30 -22.25
N GLY C 43 -0.58 2.30 -21.74
CA GLY C 43 -0.59 1.99 -20.33
C GLY C 43 0.72 1.39 -19.86
N GLY C 44 0.72 0.87 -18.62
CA GLY C 44 1.93 0.40 -17.93
C GLY C 44 2.76 -0.63 -18.67
N ASN C 45 2.16 -1.29 -19.65
CA ASN C 45 2.93 -2.27 -20.40
C ASN C 45 3.61 -1.69 -21.62
N ALA C 46 3.53 -0.37 -21.82
CA ALA C 46 4.16 0.24 -22.99
C ALA C 46 5.65 -0.11 -23.07
N PRO C 47 6.20 -0.18 -24.29
CA PRO C 47 7.66 -0.11 -24.44
C PRO C 47 8.18 1.12 -23.71
N LYS C 48 9.39 1.05 -23.16
CA LYS C 48 9.89 2.17 -22.34
C LYS C 48 9.87 3.52 -23.09
N ALA C 49 9.99 3.45 -24.41
CA ALA C 49 10.00 4.64 -25.28
C ALA C 49 8.68 5.45 -25.22
N PHE C 50 7.59 4.76 -24.87
CA PHE C 50 6.31 5.41 -24.61
C PHE C 50 6.01 5.70 -23.13
N LEU C 51 6.95 5.44 -22.23
CA LEU C 51 6.78 5.85 -20.83
C LEU C 51 7.60 7.10 -20.58
N ASN C 52 7.14 7.97 -19.69
CA ASN C 52 7.89 9.20 -19.38
C ASN C 52 9.22 8.96 -18.62
N SER C 53 9.83 10.03 -18.07
CA SER C 53 11.10 9.88 -17.32
C SER C 53 10.94 8.89 -16.19
N ASN C 54 9.94 9.12 -15.34
CA ASN C 54 9.71 8.31 -14.14
C ASN C 54 8.95 7.03 -14.44
N GLY C 55 8.98 6.57 -15.70
CA GLY C 55 8.41 5.27 -16.08
C GLY C 55 6.89 5.12 -16.13
N LEU C 56 6.17 6.23 -16.24
CA LEU C 56 4.70 6.25 -16.26
C LEU C 56 4.09 6.38 -17.67
N PRO C 57 2.93 5.72 -17.91
CA PRO C 57 2.30 5.81 -19.23
C PRO C 57 1.52 7.10 -19.45
N THR C 58 2.13 8.06 -20.14
CA THR C 58 1.51 9.38 -20.32
C THR C 58 1.15 9.64 -21.77
N TYR C 59 1.05 8.59 -22.58
CA TYR C 59 0.79 8.75 -24.00
C TYR C 59 -0.66 8.38 -24.31
N SER C 60 -1.51 9.40 -24.49
CA SER C 60 -2.95 9.24 -24.54
C SER C 60 -3.48 8.70 -25.88
N PRO C 61 -4.50 7.83 -25.84
CA PRO C 61 -5.09 7.30 -27.06
C PRO C 61 -6.07 8.28 -27.72
N LYS C 62 -6.18 8.22 -29.04
CA LYS C 62 -7.19 8.99 -29.71
C LYS C 62 -8.53 8.44 -29.31
N ILE C 63 -9.44 9.35 -29.01
CA ILE C 63 -10.81 9.03 -28.68
C ILE C 63 -11.65 9.96 -29.53
N SER C 64 -12.69 9.42 -30.15
CA SER C 64 -13.61 10.24 -30.92
C SER C 64 -15.06 9.84 -30.66
N TRP C 65 -15.97 10.67 -31.12
CA TRP C 65 -17.38 10.45 -30.87
C TRP C 65 -18.16 11.17 -31.94
N GLN C 66 -19.43 10.81 -32.12
CA GLN C 66 -20.24 11.54 -33.10
C GLN C 66 -20.52 12.95 -32.61
N LYS C 67 -20.57 13.90 -33.54
CA LYS C 67 -20.91 15.28 -33.23
C LYS C 67 -22.35 15.33 -32.74
N VAL C 68 -22.67 16.31 -31.90
CA VAL C 68 -24.03 16.43 -31.42
C VAL C 68 -24.63 17.82 -31.64
N GLU C 69 -25.78 17.79 -32.30
CA GLU C 69 -26.58 18.97 -32.63
C GLU C 69 -26.59 19.90 -31.42
N GLY C 70 -26.03 21.10 -31.59
CA GLY C 70 -26.08 22.12 -30.54
C GLY C 70 -24.88 22.14 -29.60
N ALA C 71 -23.97 21.17 -29.77
CA ALA C 71 -22.79 21.09 -28.92
C ALA C 71 -21.79 22.20 -29.23
N GLN C 72 -21.34 22.92 -28.22
CA GLN C 72 -20.37 23.97 -28.46
C GLN C 72 -18.98 23.67 -27.89
N SER C 73 -18.92 22.66 -27.03
CA SER C 73 -17.67 22.09 -26.57
C SER C 73 -17.96 20.69 -26.06
N TYR C 74 -16.91 19.95 -25.70
CA TYR C 74 -17.07 18.66 -25.11
C TYR C 74 -16.13 18.55 -23.90
N ALA C 75 -16.47 17.65 -22.99
CA ALA C 75 -15.61 17.29 -21.86
C ALA C 75 -15.51 15.77 -21.78
N LEU C 76 -14.45 15.27 -21.14
CA LEU C 76 -14.18 13.83 -21.08
C LEU C 76 -13.64 13.43 -19.71
N GLU C 77 -14.01 12.23 -19.27
CA GLU C 77 -13.40 11.62 -18.08
C GLU C 77 -13.14 10.14 -18.37
N LEU C 78 -12.02 9.65 -17.86
CA LEU C 78 -11.60 8.27 -18.03
C LEU C 78 -11.40 7.73 -16.62
N ILE C 79 -12.25 6.77 -16.25
CA ILE C 79 -12.32 6.28 -14.87
C ILE C 79 -12.21 4.77 -14.83
N ASP C 80 -11.51 4.26 -13.80
CA ASP C 80 -11.38 2.84 -13.62
C ASP C 80 -12.22 2.35 -12.43
N HIS C 81 -13.37 1.79 -12.73
CA HIS C 81 -14.25 1.21 -11.71
C HIS C 81 -13.64 -0.01 -11.06
N ASP C 82 -12.90 -0.79 -11.84
CA ASP C 82 -12.22 -1.98 -11.34
C ASP C 82 -11.15 -1.62 -10.31
N ALA C 83 -10.85 -0.33 -10.15
CA ALA C 83 -9.87 0.09 -9.15
C ALA C 83 -10.43 0.05 -7.73
N GLN C 84 -11.75 0.03 -7.59
CA GLN C 84 -12.33 0.04 -6.24
C GLN C 84 -11.88 -1.15 -5.40
N LYS C 85 -11.92 -2.34 -6.00
CA LYS C 85 -11.48 -3.57 -5.37
C LYS C 85 -10.06 -3.47 -4.84
N VAL C 86 -9.21 -2.78 -5.59
CA VAL C 86 -7.78 -2.72 -5.33
C VAL C 86 -7.44 -1.72 -4.22
N CYS C 87 -8.06 -0.56 -4.22
CA CYS C 87 -7.61 0.50 -3.32
C CYS C 87 -8.75 1.22 -2.62
N GLY C 88 -9.98 0.79 -2.87
CA GLY C 88 -11.12 1.25 -2.09
C GLY C 88 -11.96 2.24 -2.83
N PRO C 90 -12.73 4.20 -6.99
CA PRO C 90 -12.44 4.17 -8.44
C PRO C 90 -11.37 5.18 -8.77
N PHE C 91 -10.50 4.85 -9.72
CA PHE C 91 -9.35 5.69 -10.07
C PHE C 91 -9.64 6.59 -11.27
N VAL C 92 -9.37 7.89 -11.11
CA VAL C 92 -9.46 8.89 -12.18
C VAL C 92 -8.20 8.93 -13.06
N HIS C 93 -8.36 8.54 -14.32
CA HIS C 93 -7.23 8.48 -15.27
C HIS C 93 -7.02 9.72 -16.16
N TRP C 94 -8.10 10.45 -16.45
CA TRP C 94 -8.00 11.59 -17.32
C TRP C 94 -9.27 12.40 -17.21
N VAL C 95 -9.11 13.72 -17.09
CA VAL C 95 -10.25 14.62 -17.10
C VAL C 95 -9.89 15.82 -18.00
N VAL C 96 -10.72 16.04 -19.01
CA VAL C 96 -10.46 17.06 -20.03
C VAL C 96 -11.67 17.98 -20.24
N GLY C 97 -11.45 19.28 -20.17
CA GLY C 97 -12.46 20.26 -20.58
C GLY C 97 -12.07 21.07 -21.82
N ASN C 98 -13.03 21.85 -22.31
CA ASN C 98 -12.84 22.71 -23.48
C ASN C 98 -12.29 21.94 -24.69
N ILE C 99 -12.99 20.87 -25.07
CA ILE C 99 -12.71 20.15 -26.30
C ILE C 99 -13.60 20.77 -27.41
N ALA C 100 -12.99 21.46 -28.37
CA ALA C 100 -13.75 22.17 -29.40
C ALA C 100 -14.35 21.23 -30.46
N HIS C 101 -13.72 20.09 -30.69
CA HIS C 101 -14.18 19.17 -31.71
C HIS C 101 -14.47 17.76 -31.18
N ASN C 102 -15.21 16.98 -31.97
CA ASN C 102 -15.64 15.65 -31.58
C ASN C 102 -14.53 14.58 -31.62
N VAL C 103 -13.32 15.03 -31.33
CA VAL C 103 -12.16 14.16 -31.30
C VAL C 103 -11.10 14.71 -30.36
N LEU C 104 -10.35 13.79 -29.76
CA LEU C 104 -9.08 14.06 -29.10
C LEU C 104 -8.03 13.19 -29.78
N GLU C 105 -7.08 13.85 -30.42
CA GLU C 105 -6.11 13.20 -31.29
C GLU C 105 -5.12 12.41 -30.44
N GLU C 106 -4.53 11.36 -31.00
CA GLU C 106 -3.54 10.56 -30.28
C GLU C 106 -2.46 11.47 -29.68
N ASN C 107 -2.08 11.17 -28.46
CA ASN C 107 -1.11 11.99 -27.70
C ASN C 107 -1.60 13.40 -27.35
N ALA C 108 -2.91 13.61 -27.33
CA ALA C 108 -3.49 14.91 -26.96
C ALA C 108 -3.09 15.44 -25.58
N SER C 109 -2.86 14.55 -24.62
CA SER C 109 -2.57 15.05 -23.29
C SER C 109 -1.25 15.81 -23.31
N ASP C 112 -1.92 18.69 -27.17
CA ASP C 112 -3.04 19.59 -27.36
C ASP C 112 -3.01 20.73 -26.33
N LYS C 113 -2.77 21.94 -26.81
CA LYS C 113 -2.63 23.11 -25.92
C LYS C 113 -3.91 23.90 -25.75
N ARG C 114 -4.96 23.48 -26.44
CA ARG C 114 -6.23 24.17 -26.34
C ARG C 114 -7.13 23.58 -25.26
N ILE C 115 -6.94 22.31 -24.93
CA ILE C 115 -7.76 21.71 -23.89
C ILE C 115 -7.24 22.08 -22.51
N VAL C 116 -8.13 22.10 -21.51
CA VAL C 116 -7.70 22.13 -20.10
C VAL C 116 -7.80 20.71 -19.54
N GLN C 117 -6.82 20.36 -18.72
CA GLN C 117 -6.71 19.01 -18.14
C GLN C 117 -6.74 19.06 -16.63
N GLY C 118 -7.45 18.11 -16.03
CA GLY C 118 -7.64 18.07 -14.59
C GLY C 118 -6.71 17.10 -13.89
N VAL C 119 -6.68 17.21 -12.57
CA VAL C 119 -5.84 16.37 -11.71
C VAL C 119 -6.27 14.90 -11.78
N ASN C 120 -5.31 14.00 -12.03
CA ASN C 120 -5.58 12.57 -12.07
C ASN C 120 -5.36 11.92 -10.70
N SER C 121 -5.74 10.67 -10.52
CA SER C 121 -5.67 10.09 -9.19
C SER C 121 -4.26 9.74 -8.66
N LEU C 122 -3.19 9.97 -9.42
CA LEU C 122 -1.82 9.72 -8.90
C LEU C 122 -1.33 10.86 -8.04
N THR C 123 -2.17 11.87 -7.92
CA THR C 123 -1.80 13.11 -7.26
C THR C 123 -1.60 12.94 -5.76
N GLN C 124 -0.68 13.73 -5.20
CA GLN C 124 -0.57 13.77 -3.76
C GLN C 124 -0.98 15.14 -3.30
N GLY C 125 -1.81 15.81 -4.08
CA GLY C 125 -2.20 17.19 -3.82
C GLY C 125 -3.59 17.36 -3.22
N PHE C 126 -4.28 16.24 -2.93
CA PHE C 126 -5.60 16.28 -2.29
C PHE C 126 -5.54 16.88 -0.87
N ILE C 127 -6.69 17.32 -0.38
CA ILE C 127 -6.70 18.05 0.89
C ILE C 127 -6.16 17.22 2.06
N ARG C 128 -6.62 15.98 2.17
CA ARG C 128 -6.23 15.13 3.30
C ARG C 128 -4.75 14.73 3.22
N SER C 129 -4.07 15.16 2.16
CA SER C 129 -2.69 14.82 1.95
C SER C 129 -1.74 15.47 2.97
N PRO C 130 -0.69 14.73 3.41
CA PRO C 130 0.30 15.24 4.36
C PRO C 130 1.20 16.42 3.90
N LEU C 131 1.34 16.64 2.59
CA LEU C 131 2.24 17.66 2.02
C LEU C 131 1.78 19.09 2.33
N ASN C 132 2.69 20.05 2.27
CA ASN C 132 2.29 21.45 2.46
C ASN C 132 1.58 22.04 1.22
N GLU C 133 1.01 23.22 1.42
N GLU C 133 0.92 23.18 1.39
CA GLU C 133 0.15 23.92 0.44
CA GLU C 133 0.11 23.75 0.29
C GLU C 133 0.76 24.23 -0.94
C GLU C 133 0.87 23.85 -1.02
N SER C 134 2.08 24.42 -0.99
CA SER C 134 2.81 24.63 -2.24
C SER C 134 3.19 23.30 -2.92
N GLU C 135 3.58 22.30 -2.12
CA GLU C 135 3.89 20.96 -2.63
C GLU C 135 2.64 20.30 -3.22
N LYS C 136 1.49 20.53 -2.59
CA LYS C 136 0.19 20.11 -3.13
C LYS C 136 -0.06 20.73 -4.50
N GLN C 137 0.08 22.05 -4.56
CA GLN C 137 -0.04 22.80 -5.82
C GLN C 137 0.83 22.15 -6.88
N ARG C 138 2.08 21.89 -6.52
CA ARG C 138 3.04 21.31 -7.42
C ARG C 138 2.54 19.93 -7.87
N SER C 139 2.20 19.08 -6.92
CA SER C 139 1.74 17.73 -7.22
C SER C 139 0.50 17.70 -8.11
N ASN C 140 -0.47 18.57 -7.84
CA ASN C 140 -1.68 18.62 -8.64
C ASN C 140 -1.37 19.01 -10.08
N LEU C 141 -0.46 19.97 -10.25
CA LEU C 141 -0.04 20.38 -11.57
C LEU C 141 0.72 19.29 -12.33
N ASN C 142 1.63 18.60 -11.65
CA ASN C 142 2.33 17.49 -12.30
C ASN C 142 1.39 16.40 -12.79
N ASN C 143 0.30 16.18 -12.06
CA ASN C 143 -0.64 15.12 -12.41
C ASN C 143 -1.90 15.60 -13.11
N SER C 144 -1.87 16.82 -13.65
CA SER C 144 -2.96 17.29 -14.52
C SER C 144 -2.72 16.81 -15.97
N VAL C 145 -2.70 15.49 -16.15
CA VAL C 145 -2.37 14.86 -17.41
C VAL C 145 -3.01 13.49 -17.44
N TYR C 146 -3.09 12.90 -18.63
CA TYR C 146 -3.49 11.52 -18.76
C TYR C 146 -2.44 10.61 -18.11
N ILE C 147 -2.91 9.76 -17.20
CA ILE C 147 -2.15 8.61 -16.75
C ILE C 147 -2.91 7.37 -17.24
N GLY C 148 -2.19 6.42 -17.84
CA GLY C 148 -2.86 5.31 -18.53
C GLY C 148 -3.11 4.14 -17.60
N PRO C 149 -3.79 3.10 -18.12
CA PRO C 149 -4.09 1.90 -17.35
C PRO C 149 -2.83 1.28 -16.78
N PRO C 151 -3.26 -1.85 -14.49
CA PRO C 151 -4.07 -2.71 -13.63
C PRO C 151 -3.20 -3.82 -13.01
N PRO C 152 -3.07 -3.82 -11.67
CA PRO C 152 -2.09 -4.71 -11.03
C PRO C 152 -2.58 -6.13 -10.78
N ASN C 153 -3.88 -6.30 -10.55
CA ASN C 153 -4.47 -7.56 -10.06
C ASN C 153 -5.02 -8.50 -11.16
N GLY C 154 -5.28 -7.94 -12.34
CA GLY C 154 -5.77 -8.69 -13.50
C GLY C 154 -6.15 -7.65 -14.53
N ASP C 155 -6.71 -8.06 -15.66
CA ASP C 155 -7.17 -7.11 -16.70
C ASP C 155 -8.28 -6.22 -16.13
N HIS C 156 -8.36 -4.96 -16.55
CA HIS C 156 -9.45 -4.08 -16.12
C HIS C 156 -10.24 -3.55 -17.31
N HIS C 157 -11.52 -3.26 -17.08
CA HIS C 157 -12.34 -2.41 -17.95
C HIS C 157 -12.19 -0.96 -17.49
N TYR C 158 -12.16 -0.04 -18.45
CA TYR C 158 -12.06 1.38 -18.15
C TYR C 158 -13.27 2.03 -18.81
N LEU C 159 -13.75 3.09 -18.20
CA LEU C 159 -14.89 3.79 -18.73
C LEU C 159 -14.52 5.17 -19.20
N ILE C 160 -14.87 5.46 -20.45
CA ILE C 160 -14.78 6.80 -21.00
C ILE C 160 -16.19 7.34 -20.99
N GLN C 161 -16.33 8.56 -20.45
CA GLN C 161 -17.60 9.27 -20.49
C GLN C 161 -17.37 10.63 -21.11
N VAL C 162 -18.21 10.95 -22.10
CA VAL C 162 -18.06 12.16 -22.88
C VAL C 162 -19.31 13.03 -22.75
N TYR C 163 -19.09 14.33 -22.55
CA TYR C 163 -20.15 15.27 -22.31
C TYR C 163 -20.25 16.30 -23.42
N ALA C 164 -21.41 16.36 -24.07
CA ALA C 164 -21.73 17.45 -24.99
C ALA C 164 -22.22 18.66 -24.18
N LEU C 165 -21.59 19.81 -24.36
CA LEU C 165 -21.96 20.99 -23.59
C LEU C 165 -22.58 22.07 -24.47
N ASP C 166 -23.42 22.92 -23.90
CA ASP C 166 -24.10 23.98 -24.69
C ASP C 166 -23.37 25.31 -24.60
N ILE C 167 -22.23 25.33 -23.91
CA ILE C 167 -21.36 26.51 -23.88
C ILE C 167 -19.99 26.16 -24.47
N PRO C 168 -19.34 27.13 -25.16
CA PRO C 168 -18.08 26.81 -25.83
C PRO C 168 -16.91 26.69 -24.85
N LYS C 169 -16.92 27.48 -23.80
CA LYS C 169 -15.82 27.47 -22.85
C LYS C 169 -16.29 27.30 -21.39
N LEU C 170 -15.53 26.48 -20.67
CA LEU C 170 -15.74 26.22 -19.25
C LEU C 170 -14.71 27.00 -18.48
N ALA C 171 -15.10 27.60 -17.35
CA ALA C 171 -14.19 28.38 -16.50
C ALA C 171 -13.35 27.48 -15.58
N LEU C 172 -12.32 26.87 -16.17
CA LEU C 172 -11.49 25.93 -15.45
C LEU C 172 -10.02 26.27 -15.66
N LYS C 173 -9.30 26.30 -14.55
CA LYS C 173 -7.89 26.63 -14.54
C LYS C 173 -7.15 25.52 -13.77
N ALA C 174 -6.10 24.96 -14.38
CA ALA C 174 -5.28 23.98 -13.67
C ALA C 174 -4.66 24.62 -12.41
N PRO C 175 -4.74 23.90 -11.26
CA PRO C 175 -5.31 22.57 -11.11
C PRO C 175 -6.79 22.55 -10.72
N PHE C 176 -7.56 21.67 -11.32
CA PHE C 176 -8.95 21.49 -10.96
C PHE C 176 -9.27 20.00 -10.94
N PHE C 177 -10.22 19.61 -10.10
CA PHE C 177 -10.59 18.21 -9.91
C PHE C 177 -11.91 17.85 -10.59
N LEU C 178 -12.24 16.57 -10.57
CA LEU C 178 -13.45 16.07 -11.18
C LEU C 178 -14.73 16.79 -10.66
N GLY C 179 -14.74 17.14 -9.39
CA GLY C 179 -15.87 17.85 -8.83
C GLY C 179 -15.97 19.22 -9.46
N ASP C 180 -14.81 19.80 -9.74
CA ASP C 180 -14.72 21.13 -10.35
C ASP C 180 -15.19 21.08 -11.80
N LEU C 181 -14.83 20.02 -12.51
CA LEU C 181 -15.31 19.80 -13.86
C LEU C 181 -16.84 19.69 -13.84
N HIS C 182 -17.33 18.92 -12.87
CA HIS C 182 -18.76 18.65 -12.78
C HIS C 182 -19.58 19.86 -12.41
N ASP C 183 -19.02 20.74 -11.59
CA ASP C 183 -19.62 22.03 -11.25
C ASP C 183 -19.83 22.96 -12.44
N LYS C 184 -18.85 23.03 -13.33
CA LYS C 184 -18.93 23.95 -14.47
C LYS C 184 -19.85 23.44 -15.57
N ARG C 186 -22.57 21.72 -14.95
CA ARG C 186 -23.93 21.54 -14.42
C ARG C 186 -24.91 22.47 -15.13
N ASN C 187 -25.94 21.88 -15.73
CA ASN C 187 -26.97 22.63 -16.47
C ASN C 187 -26.58 22.95 -17.90
N HIS C 188 -25.45 22.39 -18.37
CA HIS C 188 -24.99 22.66 -19.71
C HIS C 188 -24.87 21.39 -20.52
N ILE C 189 -25.28 20.28 -19.94
CA ILE C 189 -25.10 18.98 -20.59
C ILE C 189 -26.31 18.65 -21.43
N ILE C 190 -26.08 18.40 -22.71
CA ILE C 190 -27.19 18.06 -23.61
C ILE C 190 -27.15 16.60 -24.01
N ALA C 191 -26.02 15.95 -23.76
CA ALA C 191 -25.87 14.55 -24.09
C ALA C 191 -24.65 13.97 -23.41
N ILE C 192 -24.67 12.65 -23.23
CA ILE C 192 -23.56 11.94 -22.65
C ILE C 192 -23.37 10.68 -23.47
N GLY C 193 -22.11 10.38 -23.81
CA GLY C 193 -21.76 9.12 -24.46
C GLY C 193 -20.84 8.27 -23.59
N ARG C 194 -20.96 6.94 -23.70
N ARG C 194 -20.90 6.95 -23.77
CA ARG C 194 -20.14 6.02 -22.95
CA ARG C 194 -20.15 6.02 -22.91
C ARG C 194 -19.35 5.11 -23.87
C ARG C 194 -19.49 4.88 -23.68
N LYS C 195 -18.21 4.62 -23.39
CA LYS C 195 -17.44 3.55 -24.07
C LYS C 195 -16.49 2.89 -23.09
N GLU C 196 -16.56 1.56 -22.97
CA GLU C 196 -15.57 0.79 -22.20
C GLU C 196 -14.50 0.17 -23.09
N PHE C 197 -13.29 0.00 -22.54
CA PHE C 197 -12.23 -0.76 -23.18
C PHE C 197 -11.49 -1.61 -22.14
N LEU C 198 -10.73 -2.60 -22.59
CA LEU C 198 -9.87 -3.43 -21.74
C LEU C 198 -8.40 -2.99 -21.85
N TYR C 199 -7.66 -3.22 -20.77
CA TYR C 199 -6.20 -3.17 -20.79
C TYR C 199 -5.63 -4.35 -19.97
N LYS C 200 -4.58 -4.99 -20.48
CA LYS C 200 -3.98 -6.19 -19.84
C LYS C 200 -3.36 -5.88 -18.50
N GLN C 201 -3.53 -6.80 -17.55
CA GLN C 201 -2.82 -6.75 -16.30
C GLN C 201 -1.38 -6.28 -16.47
N PHE C 202 -1.02 -5.25 -15.71
CA PHE C 202 0.34 -4.79 -15.62
C PHE C 202 1.34 -5.88 -15.25
N VAL C 203 2.37 -6.01 -16.07
CA VAL C 203 3.39 -7.06 -15.89
C VAL C 203 4.62 -6.48 -15.16
N LYS D 24 -31.44 4.47 -24.25
CA LYS D 24 -32.35 5.49 -23.76
C LYS D 24 -31.98 6.09 -22.39
N THR D 25 -32.80 7.03 -21.93
CA THR D 25 -32.57 7.80 -20.71
C THR D 25 -33.88 7.89 -19.89
N PHE D 26 -33.77 8.11 -18.58
CA PHE D 26 -34.96 8.33 -17.74
C PHE D 26 -34.71 9.25 -16.53
N GLU D 27 -35.77 9.87 -16.05
CA GLU D 27 -35.68 10.75 -14.88
C GLU D 27 -35.54 9.91 -13.62
N VAL D 28 -34.76 10.41 -12.68
CA VAL D 28 -34.56 9.79 -11.39
C VAL D 28 -34.88 10.89 -10.38
N ILE D 30 -35.31 12.15 -6.12
CA ILE D 30 -35.03 12.06 -4.70
C ILE D 30 -35.52 13.39 -4.13
N GLN D 31 -36.22 13.32 -3.00
CA GLN D 31 -36.77 14.53 -2.39
C GLN D 31 -35.69 15.40 -1.77
N THR D 32 -35.68 16.68 -2.16
CA THR D 32 -34.76 17.65 -1.59
C THR D 32 -35.45 18.97 -1.21
N ASP D 33 -34.68 19.83 -0.55
CA ASP D 33 -34.92 21.28 -0.40
C ASP D 33 -35.49 21.99 -1.60
N SER D 34 -35.94 23.22 -1.35
CA SER D 34 -36.15 24.21 -2.43
C SER D 34 -34.78 24.52 -3.05
N LYS D 35 -33.75 24.45 -2.21
CA LYS D 35 -32.39 24.78 -2.56
C LYS D 35 -31.54 23.57 -3.00
N GLY D 36 -32.16 22.41 -3.21
CA GLY D 36 -31.48 21.21 -3.72
C GLY D 36 -30.84 20.24 -2.70
N TYR D 37 -30.97 20.55 -1.41
CA TYR D 37 -30.29 19.77 -0.34
C TYR D 37 -31.14 18.63 0.21
N LEU D 38 -30.55 17.43 0.19
CA LEU D 38 -31.08 16.27 0.90
C LEU D 38 -31.05 16.53 2.40
N ASP D 39 -32.11 16.12 3.10
CA ASP D 39 -32.23 16.30 4.55
C ASP D 39 -31.02 15.79 5.38
N ALA D 40 -30.76 16.44 6.52
CA ALA D 40 -29.70 16.02 7.45
C ALA D 40 -29.73 14.53 7.81
N LYS D 41 -30.95 13.99 7.96
CA LYS D 41 -31.22 12.56 8.23
C LYS D 41 -30.27 11.61 7.55
N PHE D 42 -29.97 11.91 6.29
CA PHE D 42 -29.37 10.93 5.37
C PHE D 42 -27.85 10.98 5.26
N GLY D 43 -27.22 11.73 6.16
CA GLY D 43 -25.78 11.95 6.12
C GLY D 43 -25.26 12.27 7.50
N GLY D 44 -23.98 12.62 7.57
CA GLY D 44 -23.29 12.83 8.85
C GLY D 44 -23.88 13.81 9.84
N ASN D 45 -24.79 14.68 9.38
CA ASN D 45 -25.42 15.73 10.21
C ASN D 45 -26.73 15.27 10.86
N ALA D 46 -27.14 14.04 10.55
CA ALA D 46 -28.36 13.43 11.08
C ALA D 46 -28.47 13.55 12.60
N PRO D 47 -29.71 13.66 13.11
CA PRO D 47 -29.95 13.44 14.55
C PRO D 47 -29.45 12.05 14.96
N LYS D 48 -28.87 11.96 16.15
CA LYS D 48 -28.28 10.71 16.72
C LYS D 48 -29.13 9.44 16.39
N ALA D 49 -30.45 9.62 16.41
CA ALA D 49 -31.40 8.54 16.17
C ALA D 49 -31.28 7.87 14.78
N PHE D 50 -30.71 8.58 13.81
CA PHE D 50 -30.58 8.03 12.45
C PHE D 50 -29.19 7.51 12.15
N LEU D 51 -28.27 7.71 13.08
CA LEU D 51 -26.91 7.20 12.97
C LEU D 51 -26.86 5.81 13.58
N ASN D 52 -25.90 5.00 13.17
CA ASN D 52 -25.73 3.73 13.85
C ASN D 52 -24.98 3.96 15.18
N SER D 53 -24.74 2.88 15.94
CA SER D 53 -24.20 3.02 17.27
C SER D 53 -22.75 3.58 17.27
N ASN D 54 -22.03 3.41 16.15
CA ASN D 54 -20.73 4.03 16.01
C ASN D 54 -20.79 5.44 15.39
N GLY D 55 -21.98 6.03 15.29
CA GLY D 55 -22.13 7.37 14.69
C GLY D 55 -22.18 7.54 13.17
N LEU D 56 -22.18 6.45 12.41
CA LEU D 56 -22.19 6.52 10.93
C LEU D 56 -23.60 6.63 10.34
N PRO D 57 -23.79 7.51 9.32
CA PRO D 57 -25.07 7.61 8.61
C PRO D 57 -25.34 6.47 7.63
N THR D 58 -25.98 5.42 8.13
CA THR D 58 -26.35 4.28 7.30
C THR D 58 -27.84 4.25 6.98
N TYR D 59 -28.52 5.38 7.14
CA TYR D 59 -29.96 5.49 6.86
C TYR D 59 -30.16 6.08 5.47
N SER D 60 -30.53 5.22 4.52
CA SER D 60 -30.61 5.61 3.12
C SER D 60 -31.94 6.32 2.72
N PRO D 61 -31.88 7.24 1.75
CA PRO D 61 -33.12 7.90 1.31
C PRO D 61 -33.91 7.16 0.25
N LYS D 62 -35.22 7.39 0.25
CA LYS D 62 -36.07 6.94 -0.83
C LYS D 62 -35.54 7.49 -2.15
N ILE D 63 -35.38 6.61 -3.13
CA ILE D 63 -34.98 7.02 -4.46
C ILE D 63 -35.90 6.32 -5.43
N SER D 64 -36.41 7.06 -6.42
CA SER D 64 -37.34 6.51 -7.38
C SER D 64 -37.05 7.03 -8.76
N TRP D 65 -37.62 6.37 -9.76
CA TRP D 65 -37.39 6.70 -11.15
C TRP D 65 -38.52 6.15 -12.02
N GLN D 66 -38.64 6.65 -13.23
CA GLN D 66 -39.71 6.19 -14.09
C GLN D 66 -39.43 4.78 -14.52
N LYS D 67 -40.48 3.97 -14.65
CA LYS D 67 -40.32 2.63 -15.19
C LYS D 67 -39.84 2.76 -16.62
N VAL D 68 -38.97 1.84 -17.03
CA VAL D 68 -38.50 1.82 -18.42
C VAL D 68 -38.94 0.51 -19.05
N GLU D 69 -39.56 0.62 -20.22
N GLU D 69 -39.59 0.62 -20.22
CA GLU D 69 -40.11 -0.53 -20.93
CA GLU D 69 -40.17 -0.54 -20.91
C GLU D 69 -39.01 -1.57 -21.18
C GLU D 69 -39.09 -1.57 -21.27
N GLY D 70 -39.31 -2.82 -20.88
CA GLY D 70 -38.34 -3.91 -21.08
C GLY D 70 -37.48 -4.18 -19.85
N ALA D 71 -37.48 -3.26 -18.87
CA ALA D 71 -36.72 -3.43 -17.65
C ALA D 71 -37.16 -4.64 -16.83
N GLN D 72 -36.27 -5.61 -16.68
CA GLN D 72 -36.51 -6.77 -15.80
C GLN D 72 -35.91 -6.59 -14.40
N SER D 73 -34.98 -5.63 -14.24
CA SER D 73 -34.44 -5.20 -12.92
C SER D 73 -33.62 -3.91 -13.04
N TYR D 74 -33.44 -3.24 -11.92
CA TYR D 74 -32.61 -2.04 -11.89
C TYR D 74 -31.40 -2.25 -10.98
N ALA D 75 -30.37 -1.42 -11.18
CA ALA D 75 -29.24 -1.32 -10.27
C ALA D 75 -28.89 0.14 -10.09
N LEU D 76 -28.15 0.45 -9.02
CA LEU D 76 -27.87 1.84 -8.61
C LEU D 76 -26.47 2.04 -8.05
N GLU D 77 -25.83 3.12 -8.47
CA GLU D 77 -24.60 3.55 -7.82
C GLU D 77 -24.80 4.97 -7.33
N LEU D 78 -24.21 5.27 -6.19
CA LEU D 78 -24.20 6.60 -5.62
C LEU D 78 -22.75 6.98 -5.34
N ILE D 79 -22.25 7.92 -6.14
CA ILE D 79 -20.87 8.34 -6.10
C ILE D 79 -20.72 9.85 -5.79
N ASP D 80 -19.65 10.20 -5.08
CA ASP D 80 -19.36 11.59 -4.77
C ASP D 80 -18.13 12.03 -5.57
N HIS D 81 -18.34 12.75 -6.68
CA HIS D 81 -17.21 13.29 -7.45
C HIS D 81 -16.38 14.29 -6.65
N ASP D 82 -17.05 15.02 -5.76
CA ASP D 82 -16.39 16.11 -5.00
C ASP D 82 -15.39 15.57 -4.00
N ALA D 83 -15.28 14.26 -3.91
CA ALA D 83 -14.43 13.66 -2.91
C ALA D 83 -13.01 13.63 -3.41
N GLN D 84 -12.85 13.76 -4.73
CA GLN D 84 -11.53 13.67 -5.36
C GLN D 84 -10.57 14.72 -4.82
N LYS D 85 -11.07 15.94 -4.68
CA LYS D 85 -10.31 17.04 -4.13
C LYS D 85 -9.91 16.77 -2.66
N VAL D 86 -10.70 15.96 -1.98
CA VAL D 86 -10.49 15.66 -0.58
C VAL D 86 -9.51 14.52 -0.38
N CYS D 87 -9.69 13.41 -1.10
CA CYS D 87 -8.79 12.26 -0.91
C CYS D 87 -8.09 11.73 -2.17
N GLY D 88 -8.33 12.37 -3.30
CA GLY D 88 -7.62 12.03 -4.54
C GLY D 88 -8.44 11.22 -5.51
N PRO D 90 -12.81 9.65 -6.35
CA PRO D 90 -14.22 9.80 -6.03
C PRO D 90 -14.75 8.70 -5.12
N PHE D 91 -15.67 9.04 -4.22
CA PHE D 91 -16.11 8.13 -3.13
C PHE D 91 -17.33 7.29 -3.47
N VAL D 92 -17.29 6.01 -3.17
CA VAL D 92 -18.46 5.17 -3.42
C VAL D 92 -19.34 5.08 -2.18
N HIS D 93 -20.51 5.66 -2.27
CA HIS D 93 -21.45 5.72 -1.17
C HIS D 93 -22.45 4.58 -1.13
N TRP D 94 -22.81 4.03 -2.29
CA TRP D 94 -23.80 2.95 -2.32
C TRP D 94 -23.77 2.22 -3.64
N VAL D 95 -23.82 0.90 -3.57
CA VAL D 95 -24.00 0.11 -4.78
C VAL D 95 -24.97 -1.01 -4.50
N VAL D 96 -25.99 -1.11 -5.34
CA VAL D 96 -27.09 -2.01 -5.10
C VAL D 96 -27.55 -2.58 -6.41
N GLY D 97 -27.58 -3.90 -6.50
CA GLY D 97 -28.11 -4.61 -7.65
C GLY D 97 -29.36 -5.36 -7.26
N ASN D 98 -29.98 -6.01 -8.25
CA ASN D 98 -31.23 -6.77 -8.06
C ASN D 98 -32.37 -5.94 -7.47
N ILE D 99 -32.62 -4.76 -8.05
CA ILE D 99 -33.75 -3.94 -7.65
C ILE D 99 -34.89 -4.32 -8.58
N ALA D 100 -35.91 -4.97 -8.02
CA ALA D 100 -37.00 -5.50 -8.84
C ALA D 100 -38.01 -4.42 -9.25
N HIS D 101 -37.97 -3.26 -8.60
CA HIS D 101 -38.90 -2.19 -8.91
C HIS D 101 -38.24 -0.82 -8.99
N ASN D 102 -39.00 0.14 -9.50
CA ASN D 102 -38.48 1.47 -9.76
C ASN D 102 -38.50 2.38 -8.53
N VAL D 103 -38.17 1.78 -7.38
CA VAL D 103 -38.07 2.51 -6.13
C VAL D 103 -37.10 1.78 -5.22
N LEU D 104 -36.40 2.55 -4.40
CA LEU D 104 -35.85 2.04 -3.16
C LEU D 104 -36.50 2.86 -2.08
N GLU D 105 -37.22 2.18 -1.19
N GLU D 105 -37.28 2.23 -1.22
CA GLU D 105 -37.95 2.82 -0.13
CA GLU D 105 -37.95 3.00 -0.19
C GLU D 105 -36.96 3.36 0.93
C GLU D 105 -36.94 3.45 0.84
N GLU D 106 -37.36 4.38 1.69
CA GLU D 106 -36.50 4.92 2.74
C GLU D 106 -36.00 3.82 3.67
N ASN D 107 -34.71 3.86 4.00
CA ASN D 107 -34.11 2.91 4.92
C ASN D 107 -33.95 1.52 4.31
N ALA D 108 -34.06 1.44 2.99
CA ALA D 108 -33.83 0.17 2.26
C ALA D 108 -32.45 -0.50 2.48
N SER D 109 -31.39 0.27 2.69
CA SER D 109 -30.11 -0.37 2.90
C SER D 109 -30.17 -1.31 4.10
N ASP D 112 -34.42 -3.68 3.16
CA ASP D 112 -34.84 -4.39 1.95
C ASP D 112 -34.08 -5.70 1.79
N LYS D 113 -34.81 -6.82 1.73
CA LYS D 113 -34.19 -8.14 1.74
C LYS D 113 -33.99 -8.71 0.36
N ARG D 114 -34.49 -8.00 -0.65
CA ARG D 114 -34.40 -8.46 -2.04
C ARG D 114 -33.10 -7.98 -2.72
N ILE D 115 -32.71 -6.76 -2.42
CA ILE D 115 -31.51 -6.18 -3.04
C ILE D 115 -30.23 -6.84 -2.52
N VAL D 116 -29.19 -6.71 -3.32
CA VAL D 116 -27.88 -7.17 -2.94
C VAL D 116 -27.04 -5.90 -2.95
N GLN D 117 -26.09 -5.77 -2.03
CA GLN D 117 -25.40 -4.51 -1.83
C GLN D 117 -23.90 -4.64 -1.91
N GLY D 118 -23.25 -3.72 -2.63
CA GLY D 118 -21.80 -3.71 -2.76
C GLY D 118 -21.03 -2.98 -1.66
N VAL D 119 -19.71 -3.09 -1.68
CA VAL D 119 -18.84 -2.51 -0.69
C VAL D 119 -18.68 -1.02 -0.95
N ASN D 120 -18.93 -0.19 0.06
CA ASN D 120 -18.71 1.23 -0.07
C ASN D 120 -17.24 1.56 0.22
N SER D 121 -16.89 2.84 0.09
CA SER D 121 -15.51 3.23 0.10
C SER D 121 -14.98 3.50 1.50
N LEU D 122 -15.81 3.23 2.51
CA LEU D 122 -15.33 3.29 3.89
C LEU D 122 -14.48 2.08 4.19
N THR D 123 -14.50 1.10 3.27
CA THR D 123 -14.00 -0.22 3.57
C THR D 123 -12.51 -0.22 3.78
N GLN D 124 -12.05 -1.09 4.67
N GLN D 124 -12.02 -1.07 4.65
CA GLN D 124 -10.64 -1.36 4.88
CA GLN D 124 -10.57 -1.28 4.71
C GLN D 124 -10.32 -2.73 4.29
C GLN D 124 -10.31 -2.71 4.26
N GLY D 125 -11.20 -3.23 3.42
CA GLY D 125 -11.05 -4.57 2.86
C GLY D 125 -10.55 -4.63 1.42
N PHE D 126 -10.21 -3.47 0.84
CA PHE D 126 -9.64 -3.43 -0.51
C PHE D 126 -8.32 -4.23 -0.55
N ILE D 127 -7.92 -4.68 -1.74
CA ILE D 127 -6.76 -5.59 -1.86
C ILE D 127 -5.41 -5.06 -1.27
N ARG D 128 -5.06 -3.78 -1.51
CA ARG D 128 -3.79 -3.23 -1.00
C ARG D 128 -3.80 -2.95 0.49
N SER D 129 -4.96 -3.07 1.13
CA SER D 129 -5.09 -2.78 2.58
C SER D 129 -4.19 -3.64 3.49
N PRO D 130 -3.69 -3.07 4.60
CA PRO D 130 -2.73 -3.91 5.31
C PRO D 130 -3.37 -4.87 6.30
N LEU D 131 -4.66 -5.19 6.15
CA LEU D 131 -5.28 -6.16 7.07
C LEU D 131 -5.11 -7.61 6.59
N ASN D 132 -5.24 -8.56 7.52
CA ASN D 132 -5.27 -9.99 7.16
C ASN D 132 -6.39 -10.26 6.19
N GLU D 133 -6.24 -11.34 5.45
CA GLU D 133 -7.25 -11.73 4.49
C GLU D 133 -8.68 -11.85 5.03
N SER D 134 -8.83 -12.44 6.22
CA SER D 134 -10.15 -12.61 6.83
C SER D 134 -10.69 -11.30 7.43
N GLU D 135 -9.80 -10.47 7.96
CA GLU D 135 -10.18 -9.12 8.37
C GLU D 135 -10.61 -8.23 7.17
N LYS D 136 -9.97 -8.42 6.02
CA LYS D 136 -10.45 -7.79 4.77
C LYS D 136 -11.86 -8.22 4.43
N GLN D 137 -12.05 -9.53 4.33
CA GLN D 137 -13.38 -10.10 4.08
C GLN D 137 -14.40 -9.45 5.05
N ARG D 138 -14.03 -9.41 6.32
CA ARG D 138 -14.91 -8.86 7.35
C ARG D 138 -15.22 -7.38 7.17
N SER D 139 -14.20 -6.56 6.90
CA SER D 139 -14.43 -5.15 6.65
C SER D 139 -15.33 -4.88 5.41
N ASN D 140 -15.14 -5.68 4.36
CA ASN D 140 -15.97 -5.57 3.18
C ASN D 140 -17.46 -5.82 3.45
N LEU D 141 -17.78 -6.96 4.04
CA LEU D 141 -19.16 -7.26 4.41
C LEU D 141 -19.75 -6.16 5.29
N ASN D 142 -18.98 -5.73 6.30
CA ASN D 142 -19.46 -4.73 7.25
C ASN D 142 -19.70 -3.40 6.59
N ASN D 143 -19.12 -3.20 5.40
CA ASN D 143 -19.30 -1.96 4.63
C ASN D 143 -20.07 -2.18 3.30
N SER D 144 -20.74 -3.32 3.18
CA SER D 144 -21.60 -3.59 2.05
C SER D 144 -22.99 -3.02 2.31
N VAL D 145 -23.04 -1.69 2.45
CA VAL D 145 -24.25 -0.93 2.85
C VAL D 145 -24.15 0.53 2.34
N TYR D 146 -25.22 1.28 2.53
CA TYR D 146 -25.20 2.71 2.25
C TYR D 146 -24.44 3.46 3.34
N ILE D 147 -23.49 4.29 2.93
CA ILE D 147 -22.89 5.23 3.83
C ILE D 147 -23.21 6.60 3.25
N GLY D 148 -23.60 7.52 4.13
CA GLY D 148 -24.14 8.81 3.72
C GLY D 148 -23.10 9.90 3.52
N PRO D 149 -23.50 11.02 2.92
CA PRO D 149 -22.65 12.19 2.78
C PRO D 149 -22.00 12.65 4.08
N PRO D 151 -19.39 15.39 3.89
CA PRO D 151 -18.40 16.24 3.23
C PRO D 151 -17.67 17.15 4.24
N PRO D 152 -16.31 17.13 4.24
CA PRO D 152 -15.62 17.92 5.27
C PRO D 152 -15.25 19.34 4.89
N ASN D 153 -15.31 19.66 3.60
N ASN D 153 -15.34 19.67 3.60
CA ASN D 153 -14.72 20.88 3.04
CA ASN D 153 -14.81 20.89 3.06
C ASN D 153 -15.73 21.91 2.50
C ASN D 153 -15.79 22.02 2.97
N GLY D 154 -17.02 21.63 2.66
CA GLY D 154 -18.07 22.55 2.29
C GLY D 154 -19.13 21.63 1.74
N ASP D 155 -20.24 22.20 1.27
CA ASP D 155 -21.33 21.42 0.72
C ASP D 155 -20.79 20.64 -0.48
N HIS D 156 -21.28 19.42 -0.71
CA HIS D 156 -20.92 18.61 -1.90
C HIS D 156 -22.11 18.29 -2.76
N HIS D 157 -21.85 18.04 -4.03
CA HIS D 157 -22.81 17.41 -4.94
C HIS D 157 -22.58 15.89 -4.92
N TYR D 158 -23.65 15.15 -5.15
CA TYR D 158 -23.62 13.70 -5.11
C TYR D 158 -24.35 13.24 -6.35
N LEU D 159 -23.80 12.24 -7.03
CA LEU D 159 -24.47 11.74 -8.21
C LEU D 159 -25.07 10.37 -7.97
N ILE D 160 -26.37 10.26 -8.24
CA ILE D 160 -27.06 8.98 -8.31
C ILE D 160 -27.11 8.59 -9.77
N GLN D 161 -26.65 7.40 -10.07
CA GLN D 161 -26.82 6.86 -11.41
C GLN D 161 -27.60 5.55 -11.29
N VAL D 162 -28.67 5.42 -12.07
CA VAL D 162 -29.56 4.25 -12.00
C VAL D 162 -29.55 3.52 -13.33
N TYR D 163 -29.47 2.21 -13.27
CA TYR D 163 -29.40 1.39 -14.47
C TYR D 163 -30.62 0.48 -14.62
N ALA D 164 -31.18 0.44 -15.83
CA ALA D 164 -32.27 -0.47 -16.14
C ALA D 164 -31.69 -1.62 -16.94
N LEU D 165 -32.01 -2.84 -16.51
CA LEU D 165 -31.40 -4.01 -17.09
C LEU D 165 -32.41 -4.91 -17.81
N ASP D 166 -31.92 -5.72 -18.73
CA ASP D 166 -32.78 -6.64 -19.49
C ASP D 166 -32.83 -8.05 -18.86
N ILE D 167 -32.08 -8.24 -17.77
CA ILE D 167 -32.07 -9.49 -17.04
C ILE D 167 -32.61 -9.26 -15.60
N PRO D 168 -33.26 -10.27 -14.97
CA PRO D 168 -33.87 -9.93 -13.67
C PRO D 168 -32.95 -10.16 -12.45
N LYS D 169 -31.88 -10.92 -12.63
CA LYS D 169 -31.04 -11.26 -11.48
C LYS D 169 -29.55 -11.26 -11.82
N LEU D 170 -28.81 -10.37 -11.18
CA LEU D 170 -27.36 -10.34 -11.32
C LEU D 170 -26.76 -11.42 -10.42
N ALA D 171 -25.74 -12.13 -10.90
CA ALA D 171 -25.04 -13.12 -10.05
C ALA D 171 -23.99 -12.44 -9.13
N LEU D 172 -24.46 -11.79 -8.07
CA LEU D 172 -23.59 -11.11 -7.13
C LEU D 172 -23.93 -11.47 -5.70
N LYS D 173 -22.97 -11.97 -4.93
CA LYS D 173 -23.14 -12.06 -3.49
C LYS D 173 -22.15 -11.12 -2.81
N ALA D 174 -22.61 -10.43 -1.77
CA ALA D 174 -21.71 -9.64 -0.95
C ALA D 174 -20.60 -10.58 -0.46
N PRO D 175 -19.33 -10.12 -0.47
CA PRO D 175 -18.89 -8.79 -0.82
C PRO D 175 -18.52 -8.67 -2.31
N PHE D 176 -19.00 -7.62 -2.95
CA PHE D 176 -18.61 -7.33 -4.33
C PHE D 176 -18.39 -5.84 -4.46
N PHE D 177 -17.62 -5.43 -5.46
CA PHE D 177 -17.31 -4.00 -5.67
C PHE D 177 -17.99 -3.43 -6.90
N LEU D 178 -17.97 -2.11 -7.02
CA LEU D 178 -18.46 -1.41 -8.20
C LEU D 178 -18.03 -2.06 -9.53
N GLY D 179 -16.82 -2.58 -9.58
CA GLY D 179 -16.34 -3.20 -10.82
C GLY D 179 -17.05 -4.52 -11.09
N ASP D 180 -17.47 -5.18 -10.02
CA ASP D 180 -18.21 -6.42 -10.13
C ASP D 180 -19.63 -6.11 -10.60
N LEU D 181 -20.20 -5.01 -10.08
CA LEU D 181 -21.53 -4.57 -10.50
C LEU D 181 -21.51 -4.39 -12.03
N HIS D 182 -20.52 -3.61 -12.50
CA HIS D 182 -20.37 -3.32 -13.91
C HIS D 182 -20.06 -4.56 -14.73
N ASP D 183 -19.22 -5.45 -14.21
CA ASP D 183 -18.99 -6.72 -14.92
C ASP D 183 -20.32 -7.39 -15.24
N LYS D 184 -21.19 -7.53 -14.24
CA LYS D 184 -22.44 -8.25 -14.42
C LYS D 184 -23.47 -7.50 -15.25
N ARG D 186 -22.64 -5.64 -17.80
CA ARG D 186 -22.11 -5.41 -19.13
C ARG D 186 -23.02 -6.11 -20.17
N ASN D 187 -23.35 -5.38 -21.25
CA ASN D 187 -24.23 -5.87 -22.32
C ASN D 187 -25.69 -6.06 -21.92
N HIS D 188 -26.09 -5.55 -20.76
CA HIS D 188 -27.47 -5.72 -20.29
C HIS D 188 -28.13 -4.40 -19.96
N ILE D 189 -27.45 -3.29 -20.22
CA ILE D 189 -27.98 -1.98 -19.89
C ILE D 189 -28.85 -1.42 -21.01
N ILE D 190 -30.14 -1.27 -20.72
CA ILE D 190 -31.08 -0.75 -21.70
C ILE D 190 -31.30 0.75 -21.55
N ALA D 191 -31.04 1.30 -20.36
CA ALA D 191 -31.08 2.76 -20.18
C ALA D 191 -30.41 3.19 -18.87
N ILE D 192 -30.16 4.49 -18.73
CA ILE D 192 -29.41 5.07 -17.61
C ILE D 192 -29.99 6.43 -17.23
N GLY D 193 -30.32 6.61 -15.95
CA GLY D 193 -30.83 7.87 -15.44
C GLY D 193 -29.85 8.42 -14.41
N ARG D 194 -29.70 9.74 -14.39
CA ARG D 194 -28.76 10.37 -13.50
C ARG D 194 -29.49 11.44 -12.74
N LYS D 195 -29.17 11.60 -11.46
CA LYS D 195 -29.68 12.73 -10.71
C LYS D 195 -28.69 13.14 -9.64
N GLU D 196 -28.51 14.45 -9.46
CA GLU D 196 -27.63 14.96 -8.43
C GLU D 196 -28.43 15.57 -7.30
N PHE D 197 -27.85 15.58 -6.11
CA PHE D 197 -28.39 16.33 -4.98
C PHE D 197 -27.23 16.93 -4.21
N LEU D 198 -27.55 17.85 -3.30
CA LEU D 198 -26.56 18.46 -2.44
C LEU D 198 -26.71 17.95 -1.01
N TYR D 199 -25.61 17.96 -0.27
CA TYR D 199 -25.65 17.78 1.18
C TYR D 199 -24.74 18.79 1.86
N LYS D 200 -25.21 19.34 2.97
N LYS D 200 -25.21 19.34 2.97
CA LYS D 200 -24.50 20.41 3.69
CA LYS D 200 -24.50 20.38 3.73
C LYS D 200 -23.19 19.88 4.29
C LYS D 200 -23.17 19.86 4.27
N GLN D 201 -22.21 20.76 4.45
CA GLN D 201 -20.93 20.42 5.04
C GLN D 201 -21.14 19.75 6.40
N PHE D 202 -20.33 18.73 6.68
CA PHE D 202 -20.37 18.00 7.94
C PHE D 202 -19.47 18.63 9.02
#